data_6OSW
#
_entry.id   6OSW
#
loop_
_entity.id
_entity.type
_entity.pdbx_description
1 polymer 'Forkhead box M1'
2 polymer 'Forkhead box M1'
#
loop_
_entity_poly.entity_id
_entity_poly.type
_entity_poly.pdbx_seq_one_letter_code
_entity_poly.pdbx_strand_id
1 'polypeptide(L)'
;GEFMRESPRRPIILKRRKLPFAKSTARSFPDGIRVMDHPTMPDTQVVVIPKSADLQSVISVLTAKGKEAGPQGRNKFILL
SGDTSAEEENLYFQ
;
A
2 'polypeptide(L)' GAQAGAANRSLTEGFVLDTMNDSLSKILVDISFSGLEDEDLGMGNISWSQFIPEAK B
#
# COMPACT_ATOMS: atom_id res chain seq x y z
N GLY A 32 11.29 3.21 -11.41
CA GLY A 32 11.64 3.46 -10.02
C GLY A 32 10.44 3.22 -9.11
N ILE A 33 9.92 4.31 -8.54
CA ILE A 33 8.70 4.24 -7.74
C ILE A 33 7.46 4.41 -8.61
N ARG A 34 6.51 3.50 -8.47
CA ARG A 34 5.28 3.55 -9.25
C ARG A 34 4.05 3.48 -8.36
N VAL A 35 2.96 4.11 -8.80
CA VAL A 35 1.68 4.00 -8.11
C VAL A 35 0.54 3.79 -9.10
N MET A 36 -0.28 2.76 -8.85
CA MET A 36 -1.38 2.42 -9.74
C MET A 36 -2.55 1.83 -8.97
N ASP A 37 -3.75 2.00 -9.50
CA ASP A 37 -4.95 1.45 -8.87
C ASP A 37 -4.91 -0.08 -8.85
N HIS A 38 -5.46 -0.67 -7.79
CA HIS A 38 -5.62 -2.11 -7.72
C HIS A 38 -6.67 -2.60 -8.72
N PRO A 39 -6.33 -3.66 -9.44
CA PRO A 39 -7.19 -4.14 -10.52
C PRO A 39 -8.61 -4.40 -10.03
N THR A 40 -8.72 -4.96 -8.83
CA THR A 40 -9.97 -5.55 -8.38
C THR A 40 -10.52 -4.82 -7.17
N MET A 41 -9.68 -3.99 -6.56
CA MET A 41 -10.05 -3.30 -5.32
C MET A 41 -10.05 -1.79 -5.51
N PRO A 42 -11.24 -1.23 -5.70
CA PRO A 42 -11.36 0.20 -5.95
C PRO A 42 -10.81 1.02 -4.79
N ASP A 43 -10.78 0.41 -3.61
CA ASP A 43 -10.39 1.11 -2.39
C ASP A 43 -8.92 0.90 -2.07
N THR A 44 -8.23 0.19 -2.95
CA THR A 44 -6.83 -0.14 -2.73
C THR A 44 -5.97 0.26 -3.93
N GLN A 45 -4.78 0.80 -3.65
CA GLN A 45 -3.82 1.10 -4.69
C GLN A 45 -2.54 0.30 -4.51
N VAL A 46 -1.75 0.20 -5.57
CA VAL A 46 -0.52 -0.58 -5.54
C VAL A 46 0.70 0.33 -5.71
N VAL A 47 1.69 0.15 -4.85
CA VAL A 47 2.88 0.99 -4.86
C VAL A 47 4.15 0.14 -4.99
N VAL A 48 5.03 0.53 -5.90
CA VAL A 48 6.27 -0.18 -6.10
C VAL A 48 7.47 0.62 -5.57
N ILE A 49 8.24 -0.01 -4.69
CA ILE A 49 9.40 0.65 -4.10
C ILE A 49 10.68 -0.09 -4.43
N PRO A 50 11.59 0.59 -5.13
CA PRO A 50 12.79 -0.05 -5.64
C PRO A 50 13.81 -0.28 -4.54
N LYS A 51 14.78 -1.14 -4.81
CA LYS A 51 15.76 -1.52 -3.80
C LYS A 51 16.61 -0.32 -3.37
N SER A 52 16.78 -0.17 -2.05
CA SER A 52 17.64 0.88 -1.51
C SER A 52 16.86 2.17 -1.31
N ALA A 53 15.62 2.20 -1.80
CA ALA A 53 14.74 3.34 -1.59
C ALA A 53 14.27 3.42 -0.15
N ASP A 54 14.00 4.63 0.32
CA ASP A 54 13.53 4.84 1.68
C ASP A 54 12.04 4.52 1.80
N LEU A 55 11.73 3.25 2.03
CA LEU A 55 10.35 2.79 2.11
C LEU A 55 9.57 3.60 3.13
N GLN A 56 10.22 3.94 4.24
CA GLN A 56 9.56 4.62 5.35
C GLN A 56 9.07 6.00 4.93
N SER A 57 9.88 6.69 4.14
CA SER A 57 9.51 7.99 3.60
C SER A 57 8.35 7.85 2.60
N VAL A 58 8.40 6.79 1.80
CA VAL A 58 7.33 6.50 0.86
C VAL A 58 6.01 6.24 1.59
N ILE A 59 6.08 5.42 2.63
CA ILE A 59 4.90 5.13 3.45
C ILE A 59 4.33 6.40 4.06
N SER A 60 5.21 7.22 4.61
CA SER A 60 4.80 8.49 5.23
C SER A 60 3.94 9.31 4.29
N VAL A 61 4.38 9.42 3.04
CA VAL A 61 3.62 10.14 2.02
C VAL A 61 2.27 9.48 1.77
N LEU A 62 2.27 8.16 1.70
CA LEU A 62 1.06 7.40 1.41
C LEU A 62 0.02 7.59 2.50
N THR A 63 0.48 7.61 3.75
CA THR A 63 -0.41 7.77 4.89
C THR A 63 -0.99 9.18 4.94
N ALA A 64 -0.19 10.16 4.52
CA ALA A 64 -0.64 11.55 4.45
C ALA A 64 -1.73 11.72 3.41
N LYS A 65 -1.40 11.42 2.16
CA LYS A 65 -2.35 11.59 1.06
C LYS A 65 -3.49 10.59 1.15
N GLY A 66 -3.24 9.46 1.80
CA GLY A 66 -4.25 8.42 1.96
C GLY A 66 -5.44 8.94 2.73
N LYS A 67 -5.21 9.95 3.57
CA LYS A 67 -6.26 10.48 4.43
C LYS A 67 -6.78 11.81 3.92
N GLU A 68 -5.92 12.55 3.21
CA GLU A 68 -6.29 13.84 2.64
C GLU A 68 -7.53 13.71 1.78
N ALA A 69 -7.56 12.69 0.93
CA ALA A 69 -8.72 12.44 0.07
C ALA A 69 -9.49 11.21 0.54
N GLY A 70 -9.05 10.04 0.11
CA GLY A 70 -9.63 8.79 0.58
C GLY A 70 -10.78 8.34 -0.32
N PRO A 71 -10.92 7.03 -0.49
CA PRO A 71 -12.03 6.48 -1.25
C PRO A 71 -13.29 6.39 -0.39
N GLN A 72 -14.31 5.72 -0.92
CA GLN A 72 -15.53 5.46 -0.17
C GLN A 72 -15.26 4.53 1.00
N GLY A 73 -14.39 3.54 0.78
CA GLY A 73 -14.04 2.58 1.81
C GLY A 73 -12.75 2.97 2.51
N ARG A 74 -12.10 2.00 3.15
CA ARG A 74 -10.84 2.23 3.84
C ARG A 74 -9.67 2.20 2.86
N ASN A 75 -8.81 3.22 2.94
CA ASN A 75 -7.72 3.38 1.98
C ASN A 75 -6.53 2.50 2.35
N LYS A 76 -6.22 1.55 1.47
CA LYS A 76 -5.07 0.67 1.69
C LYS A 76 -4.12 0.70 0.50
N PHE A 77 -2.83 0.48 0.77
CA PHE A 77 -1.84 0.36 -0.29
C PHE A 77 -1.11 -0.97 -0.20
N ILE A 78 -0.75 -1.53 -1.35
CA ILE A 78 0.07 -2.72 -1.41
C ILE A 78 1.51 -2.38 -1.80
N LEU A 79 2.45 -2.71 -0.92
CA LEU A 79 3.83 -2.28 -1.07
C LEU A 79 4.70 -3.40 -1.65
N LEU A 80 5.27 -3.14 -2.83
CA LEU A 80 6.10 -4.13 -3.50
C LEU A 80 7.58 -3.77 -3.38
N SER A 81 8.40 -4.76 -3.03
CA SER A 81 9.83 -4.55 -2.87
C SER A 81 10.58 -4.88 -4.15
N GLY A 82 11.21 -3.87 -4.73
CA GLY A 82 11.95 -4.05 -5.97
C GLY A 82 11.30 -3.30 -7.12
N ASP A 83 12.09 -2.96 -8.13
CA ASP A 83 11.58 -2.26 -9.31
C ASP A 83 10.97 -3.22 -10.30
N THR A 84 9.66 -3.10 -10.53
CA THR A 84 8.93 -4.07 -11.32
C THR A 84 8.84 -3.64 -12.78
N SER A 85 9.47 -2.52 -13.09
CA SER A 85 9.48 -2.00 -14.46
C SER A 85 10.36 -2.85 -15.36
N ALA B 2 -3.87 -12.09 -1.02
CA ALA B 2 -3.86 -12.57 0.35
C ALA B 2 -4.27 -14.04 0.44
N GLN B 3 -3.54 -14.80 1.25
CA GLN B 3 -3.74 -16.25 1.32
C GLN B 3 -5.04 -16.58 2.03
N ALA B 4 -5.88 -17.38 1.39
CA ALA B 4 -7.14 -17.81 1.98
C ALA B 4 -6.96 -19.08 2.82
N GLY B 5 -7.89 -19.32 3.72
CA GLY B 5 -7.87 -20.52 4.55
C GLY B 5 -7.67 -20.18 6.02
N ALA B 6 -7.58 -18.89 6.32
CA ALA B 6 -7.41 -18.43 7.69
C ALA B 6 -7.92 -17.00 7.85
N ALA B 7 -8.22 -16.62 9.09
CA ALA B 7 -8.53 -15.24 9.42
C ALA B 7 -7.36 -14.32 9.10
N ASN B 8 -6.15 -14.82 9.33
CA ASN B 8 -4.94 -14.01 9.17
C ASN B 8 -4.50 -13.98 7.71
N ARG B 9 -5.31 -13.36 6.86
CA ARG B 9 -5.07 -13.39 5.43
C ARG B 9 -3.98 -12.40 5.02
N SER B 10 -2.74 -12.76 5.33
CA SER B 10 -1.59 -11.94 4.96
C SER B 10 -1.18 -12.18 3.52
N LEU B 11 -0.28 -11.34 3.01
CA LEU B 11 0.29 -11.52 1.69
C LEU B 11 1.41 -12.57 1.72
N THR B 12 1.63 -13.22 0.58
CA THR B 12 2.82 -14.04 0.39
C THR B 12 3.99 -13.22 -0.13
N GLU B 13 3.69 -12.02 -0.60
CA GLU B 13 4.71 -11.09 -1.07
C GLU B 13 4.26 -9.65 -0.95
N GLY B 14 5.13 -8.80 -0.43
CA GLY B 14 4.82 -7.39 -0.25
C GLY B 14 4.10 -7.16 1.08
N PHE B 15 3.72 -5.90 1.33
CA PHE B 15 3.08 -5.54 2.58
C PHE B 15 1.75 -4.83 2.34
N VAL B 16 0.91 -4.79 3.36
CA VAL B 16 -0.35 -4.08 3.30
C VAL B 16 -0.36 -2.87 4.23
N LEU B 17 -0.52 -1.69 3.64
CA LEU B 17 -0.46 -0.45 4.40
C LEU B 17 -1.85 0.10 4.67
N ASP B 18 -2.22 0.18 5.95
CA ASP B 18 -3.51 0.74 6.34
C ASP B 18 -3.36 2.22 6.70
N THR B 19 -3.82 3.09 5.81
CA THR B 19 -3.62 4.53 5.96
C THR B 19 -4.77 5.16 6.73
N MET B 20 -5.71 4.34 7.17
CA MET B 20 -6.79 4.80 8.04
C MET B 20 -6.39 4.70 9.51
N ASN B 21 -5.61 3.67 9.84
CA ASN B 21 -5.11 3.49 11.20
C ASN B 21 -3.62 3.76 11.26
N ASP B 22 -3.05 4.20 10.15
CA ASP B 22 -1.63 4.54 10.10
C ASP B 22 -0.78 3.39 10.63
N SER B 23 -1.00 2.20 10.09
CA SER B 23 -0.30 1.00 10.53
C SER B 23 0.02 0.08 9.38
N LEU B 24 1.27 -0.40 9.34
CA LEU B 24 1.69 -1.34 8.29
C LEU B 24 1.54 -2.79 8.76
N SER B 25 0.84 -3.59 7.97
CA SER B 25 0.65 -5.00 8.27
C SER B 25 1.67 -5.86 7.54
N LYS B 26 2.38 -6.69 8.28
CA LYS B 26 3.40 -7.56 7.71
C LYS B 26 3.01 -9.03 7.81
N GLY A 32 11.00 6.33 -10.13
CA GLY A 32 11.25 6.34 -8.70
C GLY A 32 10.20 5.51 -7.96
N ILE A 33 9.42 6.17 -7.12
CA ILE A 33 8.25 5.54 -6.50
C ILE A 33 7.04 5.62 -7.42
N ARG A 34 6.40 4.47 -7.62
CA ARG A 34 5.25 4.39 -8.52
C ARG A 34 3.96 4.11 -7.75
N VAL A 35 2.83 4.39 -8.38
CA VAL A 35 1.53 4.11 -7.78
C VAL A 35 0.47 3.89 -8.84
N MET A 36 -0.39 2.89 -8.63
CA MET A 36 -1.51 2.63 -9.52
C MET A 36 -2.70 2.06 -8.76
N ASP A 37 -3.89 2.25 -9.30
CA ASP A 37 -5.11 1.69 -8.70
C ASP A 37 -5.15 0.19 -8.84
N HIS A 38 -5.71 -0.48 -7.83
CA HIS A 38 -5.96 -1.92 -7.90
C HIS A 38 -7.02 -2.24 -8.95
N PRO A 39 -6.77 -3.29 -9.74
CA PRO A 39 -7.60 -3.58 -10.90
C PRO A 39 -8.93 -4.20 -10.49
N THR A 40 -8.98 -4.70 -9.26
CA THR A 40 -10.17 -5.38 -8.76
C THR A 40 -10.84 -4.60 -7.64
N MET A 41 -10.05 -4.23 -6.64
CA MET A 41 -10.58 -3.70 -5.39
C MET A 41 -10.66 -2.18 -5.43
N PRO A 42 -11.88 -1.65 -5.41
CA PRO A 42 -12.10 -0.22 -5.56
C PRO A 42 -11.36 0.56 -4.47
N ASP A 43 -11.10 -0.08 -3.35
CA ASP A 43 -10.56 0.59 -2.18
C ASP A 43 -9.15 0.11 -1.87
N THR A 44 -8.41 -0.26 -2.91
CA THR A 44 -7.00 -0.62 -2.76
C THR A 44 -6.16 0.03 -3.85
N GLN A 45 -4.97 0.49 -3.47
CA GLN A 45 -3.99 0.98 -4.45
C GLN A 45 -2.67 0.24 -4.31
N VAL A 46 -1.87 0.28 -5.37
CA VAL A 46 -0.60 -0.43 -5.41
C VAL A 46 0.58 0.53 -5.52
N VAL A 47 1.58 0.33 -4.68
CA VAL A 47 2.75 1.20 -4.67
C VAL A 47 4.03 0.41 -4.79
N VAL A 48 4.96 0.90 -5.62
CA VAL A 48 6.19 0.17 -5.91
C VAL A 48 7.39 0.88 -5.32
N ILE A 49 8.18 0.16 -4.53
CA ILE A 49 9.35 0.72 -3.87
C ILE A 49 10.62 0.01 -4.32
N PRO A 50 11.48 0.74 -5.01
CA PRO A 50 12.73 0.18 -5.52
C PRO A 50 13.58 -0.39 -4.39
N LYS A 51 14.43 -1.35 -4.72
CA LYS A 51 15.31 -1.97 -3.73
C LYS A 51 16.24 -0.94 -3.10
N SER A 52 16.41 -1.02 -1.79
CA SER A 52 17.32 -0.14 -1.08
C SER A 52 16.66 1.19 -0.73
N ALA A 53 15.49 1.44 -1.33
CA ALA A 53 14.74 2.66 -1.07
C ALA A 53 14.13 2.65 0.33
N ASP A 54 13.93 3.84 0.89
CA ASP A 54 13.41 3.96 2.24
C ASP A 54 11.90 3.77 2.28
N LEU A 55 11.46 2.67 2.86
CA LEU A 55 10.03 2.38 2.99
C LEU A 55 9.34 3.45 3.84
N GLN A 56 10.04 3.95 4.84
CA GLN A 56 9.46 4.87 5.80
C GLN A 56 9.13 6.21 5.16
N SER A 57 10.00 6.66 4.26
CA SER A 57 9.75 7.87 3.47
C SER A 57 8.53 7.68 2.57
N VAL A 58 8.43 6.51 1.95
CA VAL A 58 7.30 6.19 1.08
C VAL A 58 6.01 6.12 1.88
N ILE A 59 6.03 5.36 2.97
CA ILE A 59 4.84 5.16 3.79
C ILE A 59 4.30 6.50 4.31
N SER A 60 5.20 7.35 4.77
CA SER A 60 4.82 8.67 5.27
C SER A 60 4.01 9.44 4.22
N VAL A 61 4.51 9.47 3.00
CA VAL A 61 3.82 10.13 1.90
C VAL A 61 2.46 9.49 1.64
N LEU A 62 2.43 8.16 1.66
CA LEU A 62 1.21 7.41 1.36
C LEU A 62 0.11 7.73 2.37
N THR A 63 0.49 7.86 3.63
CA THR A 63 -0.47 8.14 4.70
C THR A 63 -1.01 9.56 4.59
N ALA A 64 -0.17 10.49 4.15
CA ALA A 64 -0.57 11.87 3.94
C ALA A 64 -1.63 11.97 2.84
N LYS A 65 -1.28 11.52 1.65
CA LYS A 65 -2.18 11.58 0.51
C LYS A 65 -3.30 10.56 0.63
N GLY A 66 -3.04 9.48 1.36
CA GLY A 66 -4.03 8.43 1.58
C GLY A 66 -5.25 8.99 2.30
N LYS A 67 -5.05 10.05 3.07
CA LYS A 67 -6.14 10.65 3.85
C LYS A 67 -6.70 11.86 3.15
N GLU A 68 -5.85 12.58 2.42
CA GLU A 68 -6.26 13.80 1.73
C GLU A 68 -7.46 13.55 0.83
N ALA A 69 -7.37 12.51 0.01
CA ALA A 69 -8.45 12.17 -0.92
C ALA A 69 -9.11 10.86 -0.55
N GLY A 70 -8.46 9.74 -0.91
CA GLY A 70 -8.91 8.43 -0.50
C GLY A 70 -10.04 7.93 -1.38
N PRO A 71 -10.30 6.63 -1.34
CA PRO A 71 -11.43 6.04 -2.03
C PRO A 71 -12.72 6.20 -1.23
N GLN A 72 -13.74 5.44 -1.61
CA GLN A 72 -15.00 5.43 -0.88
C GLN A 72 -14.85 4.71 0.46
N GLY A 73 -14.13 3.59 0.46
CA GLY A 73 -13.90 2.82 1.67
C GLY A 73 -12.55 3.15 2.29
N ARG A 74 -12.02 2.20 3.07
CA ARG A 74 -10.74 2.39 3.74
C ARG A 74 -9.58 2.26 2.76
N ASN A 75 -8.62 3.17 2.87
CA ASN A 75 -7.53 3.26 1.90
C ASN A 75 -6.34 2.40 2.32
N LYS A 76 -6.15 1.29 1.61
CA LYS A 76 -5.02 0.40 1.87
C LYS A 76 -4.12 0.29 0.65
N PHE A 77 -2.81 0.22 0.88
CA PHE A 77 -1.83 0.16 -0.20
C PHE A 77 -1.11 -1.18 -0.21
N ILE A 78 -0.73 -1.63 -1.40
CA ILE A 78 0.09 -2.83 -1.54
C ILE A 78 1.54 -2.46 -1.85
N LEU A 79 2.44 -2.78 -0.93
CA LEU A 79 3.82 -2.32 -1.00
C LEU A 79 4.72 -3.38 -1.64
N LEU A 80 5.17 -3.11 -2.85
CA LEU A 80 5.96 -4.08 -3.61
C LEU A 80 7.44 -3.71 -3.62
N SER A 81 8.29 -4.71 -3.45
CA SER A 81 9.73 -4.49 -3.38
C SER A 81 10.40 -4.78 -4.72
N GLY A 82 10.93 -3.74 -5.36
CA GLY A 82 11.55 -3.88 -6.66
C GLY A 82 11.02 -2.84 -7.64
N ASP A 83 11.48 -2.91 -8.89
CA ASP A 83 11.01 -2.00 -9.93
C ASP A 83 11.15 -2.62 -11.31
N THR A 84 10.59 -1.97 -12.31
CA THR A 84 10.69 -2.44 -13.68
C THR A 84 11.11 -1.32 -14.62
N SER A 85 12.16 -1.57 -15.41
CA SER A 85 12.66 -0.57 -16.35
C SER A 85 11.93 -0.65 -17.68
N ALA B 2 0.79 -14.73 -7.18
CA ALA B 2 -0.15 -14.71 -6.08
C ALA B 2 -0.98 -13.43 -6.09
N GLN B 3 -2.26 -13.56 -5.73
CA GLN B 3 -3.23 -12.48 -5.93
C GLN B 3 -3.01 -11.35 -4.93
N ALA B 4 -2.43 -10.25 -5.41
CA ALA B 4 -2.21 -9.07 -4.58
C ALA B 4 -3.53 -8.37 -4.27
N GLY B 5 -3.57 -7.69 -3.14
CA GLY B 5 -4.72 -6.88 -2.78
C GLY B 5 -5.08 -7.04 -1.30
N ALA B 6 -5.46 -5.94 -0.66
CA ALA B 6 -5.70 -5.94 0.78
C ALA B 6 -6.81 -6.90 1.16
N ALA B 7 -7.79 -7.06 0.26
CA ALA B 7 -8.94 -7.91 0.52
C ALA B 7 -8.71 -9.32 -0.01
N ASN B 8 -7.53 -9.55 -0.55
CA ASN B 8 -7.23 -10.83 -1.20
C ASN B 8 -6.26 -11.66 -0.37
N ARG B 9 -5.82 -12.79 -0.92
CA ARG B 9 -4.86 -13.64 -0.26
C ARG B 9 -3.63 -12.86 0.18
N SER B 10 -3.25 -13.01 1.44
CA SER B 10 -2.04 -12.36 1.96
C SER B 10 -0.81 -12.78 1.18
N LEU B 11 0.03 -11.80 0.84
CA LEU B 11 1.25 -12.07 0.09
C LEU B 11 2.38 -12.51 1.02
N THR B 12 3.28 -13.34 0.49
CA THR B 12 4.51 -13.67 1.19
C THR B 12 5.61 -12.67 0.85
N GLU B 13 5.41 -11.92 -0.23
CA GLU B 13 6.36 -10.89 -0.64
C GLU B 13 5.65 -9.55 -0.85
N GLY B 14 5.96 -8.59 0.01
CA GLY B 14 5.28 -7.30 -0.01
C GLY B 14 4.42 -7.11 1.23
N PHE B 15 4.10 -5.87 1.54
CA PHE B 15 3.33 -5.54 2.74
C PHE B 15 2.00 -4.88 2.38
N VAL B 16 1.11 -4.79 3.36
CA VAL B 16 -0.14 -4.06 3.19
C VAL B 16 -0.24 -2.90 4.18
N LEU B 17 -0.35 -1.69 3.65
CA LEU B 17 -0.35 -0.48 4.48
C LEU B 17 -1.76 0.04 4.69
N ASP B 18 -2.17 0.14 5.95
CA ASP B 18 -3.45 0.75 6.29
C ASP B 18 -3.28 2.22 6.66
N THR B 19 -3.66 3.09 5.74
CA THR B 19 -3.44 4.52 5.91
C THR B 19 -4.56 5.17 6.70
N MET B 20 -5.56 4.37 7.07
CA MET B 20 -6.66 4.84 7.91
C MET B 20 -6.32 4.66 9.38
N ASN B 21 -5.66 3.57 9.71
CA ASN B 21 -5.24 3.30 11.09
C ASN B 21 -3.74 3.46 11.24
N ASP B 22 -3.08 3.93 10.18
CA ASP B 22 -1.65 4.20 10.23
C ASP B 22 -0.88 3.00 10.76
N SER B 23 -1.12 1.83 10.16
CA SER B 23 -0.49 0.60 10.61
C SER B 23 -0.09 -0.27 9.43
N LEU B 24 1.16 -0.69 9.39
CA LEU B 24 1.67 -1.54 8.33
C LEU B 24 1.55 -3.01 8.70
N SER B 25 0.81 -3.77 7.90
CA SER B 25 0.61 -5.20 8.14
C SER B 25 1.71 -6.02 7.47
N LYS B 26 2.37 -6.85 8.25
CA LYS B 26 3.46 -7.69 7.74
C LYS B 26 3.12 -9.17 7.85
N GLY A 32 12.17 7.53 -8.90
CA GLY A 32 11.41 7.47 -7.65
C GLY A 32 10.51 6.24 -7.63
N ILE A 33 9.28 6.41 -7.14
CA ILE A 33 8.36 5.30 -6.96
C ILE A 33 7.20 5.37 -7.94
N ARG A 34 6.41 4.31 -8.00
CA ARG A 34 5.25 4.27 -8.88
C ARG A 34 4.02 3.79 -8.14
N VAL A 35 2.85 4.07 -8.70
CA VAL A 35 1.58 3.71 -8.07
C VAL A 35 0.50 3.45 -9.11
N MET A 36 -0.30 2.41 -8.89
CA MET A 36 -1.40 2.09 -9.78
C MET A 36 -2.58 1.48 -9.01
N ASP A 37 -3.77 1.65 -9.54
CA ASP A 37 -4.97 1.11 -8.90
C ASP A 37 -4.90 -0.40 -8.75
N HIS A 38 -5.31 -0.90 -7.60
CA HIS A 38 -5.36 -2.33 -7.35
C HIS A 38 -6.34 -3.02 -8.30
N PRO A 39 -5.90 -4.13 -8.88
CA PRO A 39 -6.68 -4.82 -9.91
C PRO A 39 -8.10 -5.10 -9.43
N THR A 40 -8.22 -5.54 -8.18
CA THR A 40 -9.47 -6.09 -7.68
C THR A 40 -9.79 -5.55 -6.30
N MET A 41 -9.41 -4.31 -6.05
CA MET A 41 -9.78 -3.62 -4.81
C MET A 41 -9.97 -2.13 -5.05
N PRO A 42 -11.23 -1.71 -5.11
CA PRO A 42 -11.56 -0.32 -5.46
C PRO A 42 -10.95 0.65 -4.45
N ASP A 43 -10.66 0.15 -3.25
CA ASP A 43 -10.26 1.02 -2.15
C ASP A 43 -8.77 0.88 -1.86
N THR A 44 -8.05 0.27 -2.79
CA THR A 44 -6.63 0.00 -2.61
C THR A 44 -5.83 0.38 -3.86
N GLN A 45 -4.64 0.94 -3.65
CA GLN A 45 -3.68 1.14 -4.74
C GLN A 45 -2.40 0.37 -4.47
N VAL A 46 -1.62 0.16 -5.52
CA VAL A 46 -0.41 -0.64 -5.43
C VAL A 46 0.83 0.21 -5.68
N VAL A 47 1.81 0.11 -4.79
CA VAL A 47 2.99 0.97 -4.84
C VAL A 47 4.27 0.14 -4.93
N VAL A 48 5.17 0.57 -5.80
CA VAL A 48 6.43 -0.14 -6.02
C VAL A 48 7.62 0.71 -5.61
N ILE A 49 8.47 0.17 -4.77
CA ILE A 49 9.58 0.92 -4.19
C ILE A 49 10.92 0.32 -4.59
N PRO A 50 11.75 1.12 -5.25
CA PRO A 50 13.06 0.66 -5.71
C PRO A 50 13.90 0.12 -4.56
N LYS A 51 14.81 -0.78 -4.87
CA LYS A 51 15.68 -1.37 -3.86
C LYS A 51 16.63 -0.33 -3.28
N SER A 52 16.85 -0.40 -1.97
CA SER A 52 17.77 0.51 -1.30
C SER A 52 17.09 1.81 -0.93
N ALA A 53 15.88 2.01 -1.43
CA ALA A 53 15.10 3.20 -1.14
C ALA A 53 14.45 3.11 0.24
N ASP A 54 14.13 4.27 0.80
CA ASP A 54 13.55 4.33 2.15
C ASP A 54 12.04 4.09 2.10
N LEU A 55 11.62 2.90 2.51
CA LEU A 55 10.21 2.54 2.51
C LEU A 55 9.41 3.45 3.45
N GLN A 56 10.05 3.86 4.54
CA GLN A 56 9.38 4.63 5.57
C GLN A 56 8.99 6.02 5.07
N SER A 57 9.86 6.61 4.27
CA SER A 57 9.55 7.88 3.61
C SER A 57 8.38 7.73 2.65
N VAL A 58 8.35 6.63 1.91
CA VAL A 58 7.25 6.34 1.01
C VAL A 58 5.94 6.18 1.76
N ILE A 59 5.98 5.40 2.84
CA ILE A 59 4.80 5.19 3.67
C ILE A 59 4.27 6.50 4.23
N SER A 60 5.19 7.35 4.69
CA SER A 60 4.82 8.64 5.25
C SER A 60 4.05 9.49 4.23
N VAL A 61 4.56 9.52 3.00
CA VAL A 61 3.89 10.24 1.92
C VAL A 61 2.52 9.64 1.62
N LEU A 62 2.47 8.30 1.53
CA LEU A 62 1.23 7.60 1.25
C LEU A 62 0.19 7.85 2.33
N THR A 63 0.64 7.87 3.58
CA THR A 63 -0.25 8.04 4.72
C THR A 63 -0.97 9.38 4.66
N ALA A 64 -0.21 10.44 4.40
CA ALA A 64 -0.76 11.78 4.30
C ALA A 64 -1.82 11.86 3.20
N LYS A 65 -1.48 11.33 2.03
CA LYS A 65 -2.41 11.27 0.91
C LYS A 65 -3.61 10.40 1.24
N GLY A 66 -3.37 9.30 1.94
CA GLY A 66 -4.42 8.35 2.30
C GLY A 66 -5.50 9.03 3.15
N LYS A 67 -5.07 9.88 4.07
CA LYS A 67 -5.99 10.51 5.00
C LYS A 67 -6.68 11.71 4.37
N GLU A 68 -5.95 12.45 3.55
CA GLU A 68 -6.45 13.68 2.97
C GLU A 68 -7.73 13.42 2.16
N ALA A 69 -7.68 12.41 1.31
CA ALA A 69 -8.81 12.07 0.45
C ALA A 69 -9.50 10.80 0.91
N GLY A 70 -8.97 9.66 0.49
CA GLY A 70 -9.49 8.37 0.90
C GLY A 70 -10.72 7.98 0.08
N PRO A 71 -10.97 6.68 -0.03
CA PRO A 71 -12.18 6.18 -0.67
C PRO A 71 -13.37 6.25 0.29
N GLN A 72 -14.43 5.54 -0.06
CA GLN A 72 -15.58 5.42 0.82
C GLN A 72 -15.20 4.76 2.15
N GLY A 73 -14.27 3.82 2.08
CA GLY A 73 -13.78 3.16 3.28
C GLY A 73 -12.35 3.58 3.60
N ARG A 74 -11.57 2.65 4.15
CA ARG A 74 -10.17 2.93 4.49
C ARG A 74 -9.29 2.89 3.25
N ASN A 75 -8.36 3.84 3.17
CA ASN A 75 -7.39 3.87 2.08
C ASN A 75 -6.21 2.95 2.37
N LYS A 76 -6.05 1.93 1.53
CA LYS A 76 -4.98 0.95 1.71
C LYS A 76 -4.00 0.98 0.53
N PHE A 77 -2.75 0.66 0.81
CA PHE A 77 -1.76 0.49 -0.25
C PHE A 77 -1.06 -0.86 -0.14
N ILE A 78 -0.60 -1.36 -1.29
CA ILE A 78 0.23 -2.57 -1.31
C ILE A 78 1.69 -2.22 -1.61
N LEU A 79 2.57 -2.58 -0.68
CA LEU A 79 3.98 -2.18 -0.78
C LEU A 79 4.81 -3.27 -1.44
N LEU A 80 5.28 -2.98 -2.65
CA LEU A 80 6.07 -3.95 -3.42
C LEU A 80 7.50 -3.48 -3.61
N SER A 81 8.43 -4.43 -3.56
CA SER A 81 9.84 -4.13 -3.81
C SER A 81 10.18 -4.29 -5.29
N GLY A 82 10.98 -3.38 -5.81
CA GLY A 82 11.52 -3.51 -7.16
C GLY A 82 11.76 -2.14 -7.80
N ASP A 83 12.80 -2.06 -8.62
CA ASP A 83 13.15 -0.81 -9.29
C ASP A 83 12.07 -0.41 -10.28
N THR A 84 11.91 0.90 -10.47
CA THR A 84 10.80 1.43 -11.26
C THR A 84 11.30 2.15 -12.51
N SER A 85 10.44 2.25 -13.51
CA SER A 85 10.64 3.20 -14.60
C SER A 85 9.31 3.82 -15.03
N ALA B 2 -3.71 -9.22 -4.75
CA ALA B 2 -3.55 -9.90 -3.48
C ALA B 2 -4.47 -9.30 -2.42
N GLN B 3 -5.00 -10.16 -1.55
CA GLN B 3 -6.11 -9.79 -0.68
C GLN B 3 -5.64 -8.93 0.48
N ALA B 4 -5.99 -7.65 0.45
CA ALA B 4 -5.62 -6.72 1.51
C ALA B 4 -6.37 -7.04 2.80
N GLY B 5 -5.74 -6.74 3.93
CA GLY B 5 -6.41 -6.85 5.22
C GLY B 5 -5.85 -8.02 6.03
N ALA B 6 -5.35 -7.72 7.22
CA ALA B 6 -4.71 -8.73 8.07
C ALA B 6 -5.69 -9.85 8.42
N ALA B 7 -6.97 -9.49 8.52
CA ALA B 7 -7.98 -10.44 8.99
C ALA B 7 -8.51 -11.29 7.85
N ASN B 8 -8.01 -11.04 6.65
CA ASN B 8 -8.51 -11.71 5.45
C ASN B 8 -7.54 -12.79 4.97
N ARG B 9 -7.66 -13.15 3.70
CA ARG B 9 -6.89 -14.27 3.15
C ARG B 9 -5.40 -13.95 3.12
N SER B 10 -4.57 -14.98 3.10
CA SER B 10 -3.13 -14.82 3.13
C SER B 10 -2.64 -14.02 1.93
N LEU B 11 -1.58 -13.25 2.14
CA LEU B 11 -0.99 -12.45 1.08
C LEU B 11 -0.10 -13.29 0.17
N THR B 12 -0.04 -12.92 -1.10
CA THR B 12 0.88 -13.55 -2.04
C THR B 12 2.22 -12.80 -2.07
N GLU B 13 2.14 -11.48 -2.16
CA GLU B 13 3.34 -10.65 -2.25
C GLU B 13 3.07 -9.24 -1.77
N GLY B 14 4.01 -8.67 -1.00
CA GLY B 14 3.93 -7.28 -0.60
C GLY B 14 3.28 -7.12 0.76
N PHE B 15 3.40 -5.94 1.35
CA PHE B 15 2.74 -5.64 2.61
C PHE B 15 1.52 -4.75 2.40
N VAL B 16 0.62 -4.74 3.39
CA VAL B 16 -0.60 -3.97 3.30
C VAL B 16 -0.59 -2.79 4.26
N LEU B 17 -0.70 -1.59 3.72
CA LEU B 17 -0.61 -0.36 4.52
C LEU B 17 -2.00 0.19 4.82
N ASP B 18 -2.33 0.28 6.10
CA ASP B 18 -3.55 0.95 6.53
C ASP B 18 -3.28 2.38 6.95
N THR B 19 -3.65 3.32 6.08
CA THR B 19 -3.28 4.72 6.25
C THR B 19 -4.20 5.43 7.24
N MET B 20 -5.26 4.72 7.64
CA MET B 20 -6.28 5.31 8.50
C MET B 20 -6.01 5.01 9.97
N ASN B 21 -5.48 3.81 10.23
CA ASN B 21 -5.12 3.41 11.59
C ASN B 21 -3.60 3.44 11.78
N ASP B 22 -2.89 3.98 10.80
CA ASP B 22 -1.45 4.14 10.90
C ASP B 22 -0.78 2.82 11.28
N SER B 23 -1.09 1.76 10.56
CA SER B 23 -0.58 0.43 10.87
C SER B 23 -0.22 -0.33 9.60
N LEU B 24 1.01 -0.84 9.54
CA LEU B 24 1.44 -1.66 8.42
C LEU B 24 1.33 -3.14 8.74
N SER B 25 0.55 -3.86 7.94
CA SER B 25 0.35 -5.29 8.14
C SER B 25 1.39 -6.10 7.39
N LYS B 26 2.13 -6.94 8.11
CA LYS B 26 3.17 -7.77 7.51
C LYS B 26 2.81 -9.25 7.61
N GLY A 32 12.79 5.72 -9.29
CA GLY A 32 12.34 5.82 -7.91
C GLY A 32 11.20 4.83 -7.63
N ILE A 33 10.06 5.36 -7.21
CA ILE A 33 8.93 4.53 -6.82
C ILE A 33 7.74 4.74 -7.75
N ARG A 34 6.78 3.83 -7.69
CA ARG A 34 5.58 3.91 -8.51
C ARG A 34 4.32 3.93 -7.66
N VAL A 35 3.30 4.63 -8.14
CA VAL A 35 2.00 4.63 -7.47
C VAL A 35 0.86 4.37 -8.46
N MET A 36 0.11 3.31 -8.21
CA MET A 36 -0.95 2.90 -9.13
C MET A 36 -2.23 2.54 -8.37
N ASP A 37 -3.34 2.47 -9.09
CA ASP A 37 -4.59 1.98 -8.53
C ASP A 37 -4.76 0.49 -8.79
N HIS A 38 -5.44 -0.19 -7.88
CA HIS A 38 -5.74 -1.61 -8.05
C HIS A 38 -6.62 -1.85 -9.28
N PRO A 39 -6.29 -2.89 -10.03
CA PRO A 39 -7.00 -3.20 -11.26
C PRO A 39 -8.50 -3.35 -11.01
N THR A 40 -8.84 -3.93 -9.86
CA THR A 40 -10.23 -4.28 -9.55
C THR A 40 -10.75 -3.50 -8.36
N MET A 41 -10.00 -3.52 -7.26
CA MET A 41 -10.48 -3.03 -5.98
C MET A 41 -10.62 -1.51 -5.99
N PRO A 42 -11.78 -1.02 -5.60
CA PRO A 42 -12.08 0.41 -5.64
C PRO A 42 -11.42 1.14 -4.47
N ASP A 43 -11.04 0.39 -3.45
CA ASP A 43 -10.55 0.98 -2.22
C ASP A 43 -9.14 0.49 -1.90
N THR A 44 -8.37 0.22 -2.95
CA THR A 44 -7.00 -0.26 -2.78
C THR A 44 -6.08 0.29 -3.85
N GLN A 45 -4.88 0.68 -3.45
CA GLN A 45 -3.88 1.15 -4.40
C GLN A 45 -2.59 0.34 -4.29
N VAL A 46 -1.68 0.55 -5.23
CA VAL A 46 -0.43 -0.20 -5.26
C VAL A 46 0.77 0.73 -5.28
N VAL A 47 1.78 0.39 -4.48
CA VAL A 47 3.03 1.15 -4.46
C VAL A 47 4.24 0.24 -4.60
N VAL A 48 5.23 0.68 -5.37
CA VAL A 48 6.42 -0.12 -5.62
C VAL A 48 7.65 0.53 -5.00
N ILE A 49 8.35 -0.22 -4.15
CA ILE A 49 9.54 0.29 -3.48
C ILE A 49 10.76 -0.56 -3.80
N PRO A 50 11.73 0.05 -4.48
CA PRO A 50 12.94 -0.66 -4.91
C PRO A 50 13.92 -0.82 -3.75
N LYS A 51 14.95 -1.63 -3.97
CA LYS A 51 15.90 -1.95 -2.90
C LYS A 51 16.71 -0.72 -2.51
N SER A 52 16.87 -0.53 -1.20
CA SER A 52 17.68 0.56 -0.68
C SER A 52 16.86 1.84 -0.56
N ALA A 53 15.67 1.83 -1.11
CA ALA A 53 14.77 2.97 -1.03
C ALA A 53 14.25 3.16 0.38
N ASP A 54 13.98 4.42 0.75
CA ASP A 54 13.43 4.74 2.06
C ASP A 54 11.95 4.42 2.13
N LEU A 55 11.62 3.15 2.33
CA LEU A 55 10.23 2.70 2.36
C LEU A 55 9.41 3.56 3.30
N GLN A 56 9.97 3.86 4.47
CA GLN A 56 9.25 4.58 5.51
C GLN A 56 8.73 5.92 5.00
N SER A 57 9.61 6.67 4.32
CA SER A 57 9.24 7.96 3.75
C SER A 57 8.19 7.80 2.67
N VAL A 58 8.31 6.74 1.87
CA VAL A 58 7.39 6.49 0.78
C VAL A 58 5.96 6.31 1.29
N ILE A 59 5.81 5.47 2.31
CA ILE A 59 4.49 5.16 2.86
C ILE A 59 3.95 6.33 3.68
N SER A 60 4.87 7.12 4.23
CA SER A 60 4.48 8.29 5.03
C SER A 60 3.75 9.31 4.17
N VAL A 61 4.28 9.56 2.98
CA VAL A 61 3.63 10.48 2.03
C VAL A 61 2.28 9.93 1.58
N LEU A 62 2.25 8.64 1.23
CA LEU A 62 1.03 8.01 0.75
C LEU A 62 -0.01 7.94 1.85
N THR A 63 0.44 7.72 3.09
CA THR A 63 -0.45 7.67 4.24
C THR A 63 -1.17 8.99 4.44
N ALA A 64 -0.43 10.09 4.36
CA ALA A 64 -0.99 11.41 4.54
C ALA A 64 -2.14 11.66 3.58
N LYS A 65 -1.92 11.36 2.31
CA LYS A 65 -2.92 11.59 1.27
C LYS A 65 -4.00 10.51 1.30
N GLY A 66 -3.61 9.30 1.67
CA GLY A 66 -4.55 8.20 1.83
C GLY A 66 -5.59 8.51 2.89
N LYS A 67 -5.18 9.25 3.92
CA LYS A 67 -6.08 9.64 5.00
C LYS A 67 -6.83 10.92 4.65
N GLU A 68 -6.12 11.87 4.05
CA GLU A 68 -6.69 13.16 3.73
C GLU A 68 -7.95 13.02 2.88
N ALA A 69 -7.87 12.19 1.85
CA ALA A 69 -9.01 11.95 0.98
C ALA A 69 -9.51 10.52 1.10
N GLY A 70 -8.82 9.59 0.42
CA GLY A 70 -9.16 8.18 0.49
C GLY A 70 -10.49 7.89 -0.20
N PRO A 71 -10.88 6.62 -0.21
CA PRO A 71 -12.17 6.22 -0.76
C PRO A 71 -13.29 6.48 0.25
N GLN A 72 -14.45 5.91 -0.01
CA GLN A 72 -15.56 5.93 0.95
C GLN A 72 -15.17 5.25 2.25
N GLY A 73 -14.36 4.21 2.15
CA GLY A 73 -13.85 3.52 3.34
C GLY A 73 -12.38 3.82 3.57
N ARG A 74 -11.63 2.82 4.00
CA ARG A 74 -10.20 2.98 4.28
C ARG A 74 -9.38 2.79 3.01
N ASN A 75 -8.30 3.55 2.89
CA ASN A 75 -7.35 3.37 1.80
C ASN A 75 -6.21 2.45 2.21
N LYS A 76 -6.10 1.31 1.52
CA LYS A 76 -4.98 0.40 1.72
C LYS A 76 -4.06 0.39 0.50
N PHE A 77 -2.76 0.33 0.75
CA PHE A 77 -1.79 0.16 -0.33
C PHE A 77 -1.19 -1.23 -0.30
N ILE A 78 -0.86 -1.74 -1.49
CA ILE A 78 -0.07 -2.97 -1.60
C ILE A 78 1.38 -2.66 -1.93
N LEU A 79 2.29 -3.09 -1.07
CA LEU A 79 3.70 -2.75 -1.20
C LEU A 79 4.48 -3.85 -1.90
N LEU A 80 5.05 -3.52 -3.06
CA LEU A 80 5.83 -4.48 -3.83
C LEU A 80 7.32 -4.17 -3.75
N SER A 81 8.13 -5.21 -3.57
CA SER A 81 9.57 -5.04 -3.42
C SER A 81 10.28 -5.15 -4.77
N GLY A 82 11.14 -4.17 -5.05
CA GLY A 82 11.93 -4.18 -6.28
C GLY A 82 11.19 -3.48 -7.40
N ASP A 83 11.87 -3.31 -8.54
CA ASP A 83 11.28 -2.68 -9.71
C ASP A 83 10.44 -3.68 -10.50
N THR A 84 9.13 -3.49 -10.48
CA THR A 84 8.20 -4.46 -11.07
C THR A 84 7.84 -4.08 -12.49
N SER A 85 8.47 -3.03 -13.00
CA SER A 85 8.21 -2.58 -14.37
C SER A 85 8.79 -3.54 -15.39
N ALA B 2 -5.67 -13.77 -0.81
CA ALA B 2 -5.18 -13.34 0.50
C ALA B 2 -5.73 -14.21 1.61
N GLN B 3 -5.15 -14.10 2.80
CA GLN B 3 -5.53 -14.93 3.93
C GLN B 3 -6.97 -14.69 4.33
N ALA B 4 -7.76 -15.76 4.42
CA ALA B 4 -9.15 -15.65 4.81
C ALA B 4 -9.31 -15.71 6.33
N GLY B 5 -10.43 -15.20 6.82
CA GLY B 5 -10.75 -15.29 8.24
C GLY B 5 -11.04 -13.93 8.83
N ALA B 6 -10.76 -12.88 8.06
CA ALA B 6 -11.00 -11.52 8.51
C ALA B 6 -11.10 -10.56 7.32
N ALA B 7 -11.71 -9.40 7.55
CA ALA B 7 -11.72 -8.33 6.56
C ALA B 7 -10.30 -7.89 6.22
N ASN B 8 -9.42 -7.88 7.22
CA ASN B 8 -8.05 -7.44 7.03
C ASN B 8 -7.17 -8.58 6.52
N ARG B 9 -7.43 -9.02 5.29
CA ARG B 9 -6.75 -10.18 4.73
C ARG B 9 -5.30 -9.87 4.40
N SER B 10 -4.39 -10.71 4.86
CA SER B 10 -2.96 -10.49 4.65
C SER B 10 -2.50 -11.11 3.34
N LEU B 11 -1.38 -10.61 2.82
CA LEU B 11 -0.85 -11.09 1.55
C LEU B 11 0.23 -12.14 1.76
N THR B 12 0.34 -13.06 0.81
CA THR B 12 1.49 -13.96 0.74
C THR B 12 2.75 -13.21 0.32
N GLU B 13 2.60 -12.31 -0.64
CA GLU B 13 3.72 -11.51 -1.12
C GLU B 13 3.40 -10.03 -1.09
N GLY B 14 4.27 -9.24 -0.47
CA GLY B 14 4.06 -7.80 -0.33
C GLY B 14 3.41 -7.47 1.00
N PHE B 15 3.40 -6.18 1.36
CA PHE B 15 2.85 -5.74 2.63
C PHE B 15 1.53 -5.01 2.43
N VAL B 16 0.77 -4.85 3.50
CA VAL B 16 -0.49 -4.11 3.46
C VAL B 16 -0.44 -2.89 4.34
N LEU B 17 -0.60 -1.71 3.74
CA LEU B 17 -0.49 -0.45 4.46
C LEU B 17 -1.87 0.12 4.77
N ASP B 18 -2.17 0.27 6.06
CA ASP B 18 -3.41 0.91 6.49
C ASP B 18 -3.20 2.39 6.77
N THR B 19 -3.67 3.23 5.85
CA THR B 19 -3.40 4.65 5.90
C THR B 19 -4.33 5.36 6.87
N MET B 20 -5.29 4.62 7.41
CA MET B 20 -6.27 5.18 8.34
C MET B 20 -5.80 5.02 9.78
N ASN B 21 -5.21 3.86 10.07
CA ASN B 21 -4.72 3.58 11.41
C ASN B 21 -3.20 3.73 11.49
N ASP B 22 -2.61 4.26 10.43
CA ASP B 22 -1.18 4.55 10.41
C ASP B 22 -0.37 3.31 10.81
N SER B 23 -0.66 2.18 10.17
CA SER B 23 -0.04 0.92 10.53
C SER B 23 0.27 0.09 9.30
N LEU B 24 1.52 -0.35 9.18
CA LEU B 24 1.93 -1.24 8.09
C LEU B 24 1.98 -2.68 8.55
N SER B 25 1.20 -3.54 7.91
CA SER B 25 1.14 -4.96 8.26
C SER B 25 2.09 -5.77 7.39
N LYS B 26 2.99 -6.52 8.05
CA LYS B 26 3.96 -7.34 7.34
C LYS B 26 3.71 -8.82 7.56
N GLY A 32 11.14 6.91 -10.00
CA GLY A 32 11.25 6.80 -8.55
C GLY A 32 10.17 5.88 -7.99
N ILE A 33 9.26 6.45 -7.22
CA ILE A 33 8.12 5.70 -6.68
C ILE A 33 6.95 5.74 -7.65
N ARG A 34 6.35 4.57 -7.89
CA ARG A 34 5.19 4.47 -8.77
C ARG A 34 3.95 3.99 -8.01
N VAL A 35 2.79 4.44 -8.45
CA VAL A 35 1.54 4.14 -7.75
C VAL A 35 0.35 4.20 -8.69
N MET A 36 -0.52 3.21 -8.60
CA MET A 36 -1.75 3.19 -9.39
C MET A 36 -2.81 2.33 -8.71
N ASP A 37 -4.07 2.50 -9.15
CA ASP A 37 -5.18 1.75 -8.59
C ASP A 37 -4.99 0.25 -8.80
N HIS A 38 -5.41 -0.54 -7.81
CA HIS A 38 -5.37 -1.99 -7.93
C HIS A 38 -6.22 -2.48 -9.10
N PRO A 39 -5.69 -3.44 -9.84
CA PRO A 39 -6.38 -3.96 -11.02
C PRO A 39 -7.80 -4.40 -10.67
N THR A 40 -7.98 -4.91 -9.46
CA THR A 40 -9.25 -5.48 -9.04
C THR A 40 -9.85 -4.70 -7.87
N MET A 41 -9.09 -4.65 -6.78
CA MET A 41 -9.63 -4.19 -5.50
C MET A 41 -10.03 -2.72 -5.56
N PRO A 42 -11.34 -2.47 -5.47
CA PRO A 42 -11.86 -1.12 -5.65
C PRO A 42 -11.27 -0.15 -4.64
N ASP A 43 -10.80 -0.68 -3.52
CA ASP A 43 -10.41 0.13 -2.38
C ASP A 43 -8.96 -0.12 -1.99
N THR A 44 -8.15 -0.45 -2.99
CA THR A 44 -6.71 -0.63 -2.78
C THR A 44 -5.90 0.00 -3.91
N GLN A 45 -4.76 0.60 -3.56
CA GLN A 45 -3.79 1.02 -4.55
C GLN A 45 -2.49 0.24 -4.40
N VAL A 46 -1.68 0.24 -5.45
CA VAL A 46 -0.43 -0.53 -5.46
C VAL A 46 0.77 0.39 -5.65
N VAL A 47 1.81 0.17 -4.85
CA VAL A 47 2.99 1.02 -4.87
C VAL A 47 4.25 0.21 -5.10
N VAL A 48 5.13 0.74 -5.95
CA VAL A 48 6.39 0.07 -6.26
C VAL A 48 7.58 0.84 -5.69
N ILE A 49 8.35 0.18 -4.82
CA ILE A 49 9.46 0.83 -4.15
C ILE A 49 10.79 0.16 -4.50
N PRO A 50 11.67 0.90 -5.16
CA PRO A 50 12.98 0.39 -5.56
C PRO A 50 13.72 -0.19 -4.36
N LYS A 51 14.55 -1.21 -4.61
CA LYS A 51 15.31 -1.85 -3.55
C LYS A 51 16.34 -0.90 -2.95
N SER A 52 16.47 -0.92 -1.64
CA SER A 52 17.43 -0.07 -0.94
C SER A 52 16.84 1.31 -0.65
N ALA A 53 15.68 1.59 -1.24
CA ALA A 53 14.98 2.84 -0.99
C ALA A 53 14.39 2.89 0.41
N ASP A 54 14.23 4.09 0.93
CA ASP A 54 13.66 4.28 2.27
C ASP A 54 12.14 4.08 2.25
N LEU A 55 11.70 2.83 2.34
CA LEU A 55 10.29 2.51 2.34
C LEU A 55 9.53 3.34 3.36
N GLN A 56 10.13 3.52 4.53
CA GLN A 56 9.49 4.26 5.61
C GLN A 56 9.06 5.64 5.16
N SER A 57 9.92 6.30 4.38
CA SER A 57 9.60 7.62 3.84
C SER A 57 8.45 7.54 2.84
N VAL A 58 8.45 6.50 2.03
CA VAL A 58 7.37 6.27 1.07
C VAL A 58 6.04 6.05 1.78
N ILE A 59 6.06 5.27 2.85
CA ILE A 59 4.86 5.02 3.65
C ILE A 59 4.29 6.32 4.20
N SER A 60 5.16 7.18 4.70
CA SER A 60 4.76 8.46 5.25
C SER A 60 4.04 9.31 4.19
N VAL A 61 4.60 9.34 2.99
CA VAL A 61 3.97 10.05 1.88
C VAL A 61 2.61 9.48 1.56
N LEU A 62 2.52 8.15 1.52
CA LEU A 62 1.26 7.47 1.22
C LEU A 62 0.23 7.73 2.30
N THR A 63 0.67 7.69 3.55
CA THR A 63 -0.23 7.87 4.69
C THR A 63 -0.96 9.20 4.61
N ALA A 64 -0.23 10.26 4.28
CA ALA A 64 -0.81 11.58 4.10
C ALA A 64 -1.80 11.58 2.94
N LYS A 65 -1.31 11.28 1.75
CA LYS A 65 -2.09 11.42 0.53
C LYS A 65 -3.33 10.54 0.56
N GLY A 66 -3.21 9.37 1.20
CA GLY A 66 -4.25 8.36 1.15
C GLY A 66 -5.28 8.57 2.25
N LYS A 67 -5.03 9.55 3.11
CA LYS A 67 -5.85 9.76 4.30
C LYS A 67 -6.66 11.05 4.20
N GLU A 68 -6.08 12.05 3.54
CA GLU A 68 -6.71 13.36 3.43
C GLU A 68 -8.09 13.25 2.77
N ALA A 69 -8.19 12.34 1.80
CA ALA A 69 -9.46 12.11 1.12
C ALA A 69 -10.01 10.72 1.46
N GLY A 70 -9.50 9.71 0.78
CA GLY A 70 -9.84 8.32 1.08
C GLY A 70 -11.16 7.93 0.43
N PRO A 71 -11.43 6.63 0.39
CA PRO A 71 -12.71 6.13 -0.10
C PRO A 71 -13.79 6.25 0.95
N GLN A 72 -14.91 5.56 0.73
CA GLN A 72 -15.98 5.49 1.70
C GLN A 72 -15.52 4.79 2.97
N GLY A 73 -14.62 3.83 2.82
CA GLY A 73 -14.07 3.10 3.96
C GLY A 73 -12.59 3.39 4.15
N ARG A 74 -11.82 2.36 4.45
CA ARG A 74 -10.38 2.50 4.67
C ARG A 74 -9.62 2.48 3.35
N ASN A 75 -8.48 3.16 3.32
CA ASN A 75 -7.65 3.19 2.12
C ASN A 75 -6.40 2.34 2.29
N LYS A 76 -6.37 1.21 1.59
CA LYS A 76 -5.28 0.25 1.74
C LYS A 76 -4.28 0.37 0.61
N PHE A 77 -2.99 0.20 0.93
CA PHE A 77 -1.95 0.18 -0.09
C PHE A 77 -1.16 -1.12 -0.04
N ILE A 78 -0.63 -1.54 -1.17
CA ILE A 78 0.28 -2.67 -1.24
C ILE A 78 1.71 -2.21 -1.55
N LEU A 79 2.65 -2.60 -0.69
CA LEU A 79 4.02 -2.14 -0.81
C LEU A 79 4.91 -3.21 -1.44
N LEU A 80 5.36 -2.95 -2.67
CA LEU A 80 6.13 -3.92 -3.43
C LEU A 80 7.59 -3.48 -3.57
N SER A 81 8.48 -4.44 -3.72
CA SER A 81 9.89 -4.15 -3.97
C SER A 81 10.20 -4.21 -5.46
N GLY A 82 11.15 -3.37 -5.89
CA GLY A 82 11.63 -3.40 -7.27
C GLY A 82 11.54 -2.03 -7.92
N ASP A 83 12.27 -1.85 -9.01
CA ASP A 83 12.29 -0.58 -9.72
C ASP A 83 11.08 -0.44 -10.64
N THR A 84 11.04 0.66 -11.38
CA THR A 84 9.91 0.95 -12.27
C THR A 84 10.33 0.85 -13.73
N SER A 85 11.25 -0.08 -14.02
CA SER A 85 11.76 -0.24 -15.37
C SER A 85 10.76 -0.98 -16.25
N ALA B 2 -5.91 -9.55 -2.36
CA ALA B 2 -5.63 -10.02 -1.01
C ALA B 2 -6.55 -11.19 -0.64
N GLN B 3 -6.16 -11.92 0.40
CA GLN B 3 -6.99 -13.00 0.92
C GLN B 3 -7.39 -12.76 2.37
N ALA B 4 -8.66 -12.52 2.60
CA ALA B 4 -9.16 -12.22 3.95
C ALA B 4 -9.14 -13.46 4.82
N GLY B 5 -8.95 -13.25 6.13
CA GLY B 5 -9.14 -14.31 7.11
C GLY B 5 -8.08 -14.26 8.20
N ALA B 6 -6.87 -13.88 7.82
CA ALA B 6 -5.74 -13.87 8.75
C ALA B 6 -5.74 -12.61 9.60
N ALA B 7 -6.86 -12.38 10.29
CA ALA B 7 -7.03 -11.15 11.06
C ALA B 7 -6.81 -9.91 10.20
N ASN B 8 -6.90 -10.11 8.89
CA ASN B 8 -6.62 -9.03 7.94
C ASN B 8 -6.94 -9.45 6.52
N ARG B 9 -6.65 -8.58 5.56
CA ARG B 9 -6.61 -8.95 4.15
C ARG B 9 -5.19 -9.25 3.69
N SER B 10 -4.79 -10.52 3.76
CA SER B 10 -3.39 -10.90 3.66
C SER B 10 -2.91 -10.87 2.21
N LEU B 11 -1.60 -10.80 2.03
CA LEU B 11 -1.01 -10.84 0.70
C LEU B 11 -0.10 -12.05 0.54
N THR B 12 0.08 -12.49 -0.71
CA THR B 12 1.15 -13.43 -1.03
C THR B 12 2.44 -12.70 -1.36
N GLU B 13 2.33 -11.40 -1.61
CA GLU B 13 3.50 -10.57 -1.90
C GLU B 13 3.28 -9.13 -1.49
N GLY B 14 4.27 -8.54 -0.85
CA GLY B 14 4.19 -7.13 -0.44
C GLY B 14 3.58 -6.99 0.94
N PHE B 15 3.61 -5.77 1.47
CA PHE B 15 3.04 -5.50 2.79
C PHE B 15 1.69 -4.82 2.68
N VAL B 16 0.88 -4.92 3.72
CA VAL B 16 -0.42 -4.28 3.76
C VAL B 16 -0.38 -3.01 4.60
N LEU B 17 -0.57 -1.87 3.95
CA LEU B 17 -0.51 -0.57 4.61
C LEU B 17 -1.89 0.04 4.77
N ASP B 18 -2.29 0.26 6.02
CA ASP B 18 -3.54 0.95 6.30
C ASP B 18 -3.30 2.44 6.59
N THR B 19 -3.62 3.27 5.61
CA THR B 19 -3.32 4.70 5.70
C THR B 19 -4.42 5.46 6.43
N MET B 20 -5.46 4.74 6.84
CA MET B 20 -6.58 5.34 7.54
C MET B 20 -6.41 5.22 9.05
N ASN B 21 -5.90 4.08 9.50
CA ASN B 21 -5.65 3.85 10.91
C ASN B 21 -4.16 3.89 11.22
N ASP B 22 -3.37 4.32 10.26
CA ASP B 22 -1.94 4.50 10.45
C ASP B 22 -1.29 3.24 11.00
N SER B 23 -1.44 2.14 10.28
CA SER B 23 -0.93 0.85 10.73
C SER B 23 -0.39 0.03 9.56
N LEU B 24 0.80 -0.53 9.74
CA LEU B 24 1.40 -1.40 8.75
C LEU B 24 1.38 -2.85 9.19
N SER B 25 0.93 -3.74 8.31
CA SER B 25 0.95 -5.17 8.58
C SER B 25 1.88 -5.90 7.62
N LYS B 26 2.80 -6.69 8.16
CA LYS B 26 3.76 -7.43 7.35
C LYS B 26 3.44 -8.91 7.34
N GLY A 32 11.66 3.09 -10.86
CA GLY A 32 11.47 4.14 -9.89
C GLY A 32 10.32 3.82 -8.94
N ILE A 33 9.95 4.79 -8.11
CA ILE A 33 8.74 4.69 -7.31
C ILE A 33 7.49 4.92 -8.16
N ARG A 34 6.57 3.98 -8.11
CA ARG A 34 5.36 4.04 -8.93
C ARG A 34 4.12 3.79 -8.09
N VAL A 35 2.96 4.15 -8.63
CA VAL A 35 1.69 3.89 -7.97
C VAL A 35 0.56 3.75 -8.99
N MET A 36 -0.30 2.75 -8.77
CA MET A 36 -1.42 2.50 -9.68
C MET A 36 -2.60 1.90 -8.93
N ASP A 37 -3.80 2.09 -9.49
CA ASP A 37 -5.00 1.51 -8.92
C ASP A 37 -4.93 -0.01 -8.89
N HIS A 38 -5.38 -0.61 -7.81
CA HIS A 38 -5.44 -2.06 -7.69
C HIS A 38 -6.45 -2.64 -8.67
N PRO A 39 -6.05 -3.68 -9.40
CA PRO A 39 -6.86 -4.24 -10.47
C PRO A 39 -8.27 -4.56 -9.97
N THR A 40 -8.35 -5.13 -8.76
CA THR A 40 -9.59 -5.72 -8.29
C THR A 40 -9.90 -5.26 -6.86
N MET A 41 -9.56 -4.02 -6.56
CA MET A 41 -9.94 -3.42 -5.29
C MET A 41 -10.17 -1.92 -5.44
N PRO A 42 -11.44 -1.51 -5.43
CA PRO A 42 -11.80 -0.11 -5.66
C PRO A 42 -11.15 0.79 -4.61
N ASP A 43 -10.85 0.23 -3.45
CA ASP A 43 -10.38 1.01 -2.32
C ASP A 43 -8.95 0.66 -1.96
N THR A 44 -8.17 0.25 -2.96
CA THR A 44 -6.76 -0.06 -2.76
C THR A 44 -5.93 0.36 -3.97
N GLN A 45 -4.74 0.89 -3.71
CA GLN A 45 -3.76 1.13 -4.76
C GLN A 45 -2.49 0.33 -4.52
N VAL A 46 -1.68 0.20 -5.57
CA VAL A 46 -0.46 -0.58 -5.50
C VAL A 46 0.77 0.29 -5.69
N VAL A 47 1.77 0.10 -4.82
CA VAL A 47 2.95 0.96 -4.81
C VAL A 47 4.22 0.13 -5.02
N VAL A 48 5.12 0.65 -5.85
CA VAL A 48 6.39 -0.02 -6.13
C VAL A 48 7.56 0.72 -5.52
N ILE A 49 8.36 0.01 -4.72
CA ILE A 49 9.51 0.61 -4.08
C ILE A 49 10.81 -0.02 -4.58
N PRO A 50 11.65 0.80 -5.21
CA PRO A 50 12.85 0.30 -5.88
C PRO A 50 13.96 0.02 -4.88
N LYS A 51 15.01 -0.66 -5.33
CA LYS A 51 16.10 -1.05 -4.46
C LYS A 51 16.82 0.17 -3.89
N SER A 52 17.07 0.15 -2.59
CA SER A 52 17.84 1.21 -1.94
C SER A 52 16.95 2.36 -1.50
N ALA A 53 15.69 2.31 -1.91
CA ALA A 53 14.71 3.32 -1.52
C ALA A 53 14.29 3.17 -0.08
N ASP A 54 13.95 4.29 0.56
CA ASP A 54 13.46 4.27 1.94
C ASP A 54 11.97 3.99 2.00
N LEU A 55 11.61 2.77 2.38
CA LEU A 55 10.20 2.38 2.46
C LEU A 55 9.41 3.32 3.37
N GLN A 56 10.06 3.80 4.42
CA GLN A 56 9.39 4.61 5.43
C GLN A 56 9.03 5.99 4.89
N SER A 57 9.91 6.54 4.07
CA SER A 57 9.63 7.79 3.37
C SER A 57 8.45 7.63 2.41
N VAL A 58 8.41 6.49 1.73
CA VAL A 58 7.29 6.18 0.84
C VAL A 58 5.99 6.06 1.61
N ILE A 59 6.02 5.29 2.70
CA ILE A 59 4.84 5.11 3.54
C ILE A 59 4.31 6.43 4.06
N SER A 60 5.23 7.28 4.54
CA SER A 60 4.86 8.59 5.08
C SER A 60 4.00 9.37 4.10
N VAL A 61 4.47 9.45 2.86
CA VAL A 61 3.73 10.14 1.80
C VAL A 61 2.36 9.50 1.59
N LEU A 62 2.33 8.17 1.59
CA LEU A 62 1.09 7.44 1.31
C LEU A 62 0.05 7.68 2.39
N THR A 63 0.50 7.73 3.64
CA THR A 63 -0.40 7.93 4.77
C THR A 63 -1.00 9.33 4.76
N ALA A 64 -0.22 10.30 4.28
CA ALA A 64 -0.72 11.66 4.10
C ALA A 64 -1.80 11.72 3.03
N LYS A 65 -1.45 11.28 1.82
CA LYS A 65 -2.38 11.32 0.70
C LYS A 65 -3.55 10.37 0.92
N GLY A 66 -3.32 9.32 1.70
CA GLY A 66 -4.35 8.34 1.99
C GLY A 66 -5.50 8.96 2.78
N LYS A 67 -5.23 10.10 3.41
CA LYS A 67 -6.23 10.79 4.22
C LYS A 67 -6.72 12.05 3.53
N GLU A 68 -5.82 12.70 2.80
CA GLU A 68 -6.16 13.94 2.09
C GLU A 68 -7.38 13.75 1.21
N ALA A 69 -7.39 12.68 0.43
CA ALA A 69 -8.51 12.37 -0.45
C ALA A 69 -9.30 11.17 0.05
N GLY A 70 -8.80 9.97 -0.26
CA GLY A 70 -9.43 8.73 0.19
C GLY A 70 -10.50 8.28 -0.78
N PRO A 71 -10.66 6.96 -0.88
CA PRO A 71 -11.72 6.38 -1.69
C PRO A 71 -13.05 6.36 -0.94
N GLN A 72 -14.03 5.67 -1.51
CA GLN A 72 -15.32 5.49 -0.84
C GLN A 72 -15.14 4.69 0.45
N GLY A 73 -14.30 3.68 0.41
CA GLY A 73 -14.00 2.87 1.59
C GLY A 73 -12.72 3.34 2.27
N ARG A 74 -12.06 2.43 2.98
CA ARG A 74 -10.82 2.74 3.68
C ARG A 74 -9.62 2.59 2.74
N ASN A 75 -8.73 3.58 2.77
CA ASN A 75 -7.61 3.63 1.85
C ASN A 75 -6.50 2.69 2.30
N LYS A 76 -6.20 1.69 1.46
CA LYS A 76 -5.05 0.82 1.70
C LYS A 76 -4.09 0.85 0.51
N PHE A 77 -2.82 0.58 0.78
CA PHE A 77 -1.83 0.41 -0.27
C PHE A 77 -1.15 -0.94 -0.18
N ILE A 78 -0.75 -1.47 -1.33
CA ILE A 78 0.09 -2.67 -1.38
C ILE A 78 1.53 -2.32 -1.73
N LEU A 79 2.44 -2.57 -0.80
CA LEU A 79 3.83 -2.10 -0.93
C LEU A 79 4.73 -3.21 -1.43
N LEU A 80 5.25 -3.06 -2.64
CA LEU A 80 6.00 -4.11 -3.31
C LEU A 80 7.46 -3.69 -3.51
N SER A 81 8.38 -4.52 -3.02
CA SER A 81 9.79 -4.22 -3.10
C SER A 81 10.40 -4.79 -4.39
N GLY A 82 11.16 -3.96 -5.10
CA GLY A 82 11.86 -4.39 -6.29
C GLY A 82 11.45 -3.55 -7.50
N ASP A 83 12.27 -3.61 -8.55
CA ASP A 83 12.02 -2.83 -9.76
C ASP A 83 11.08 -3.56 -10.71
N THR A 84 9.87 -3.04 -10.86
CA THR A 84 8.88 -3.64 -11.75
C THR A 84 8.99 -3.08 -13.16
N SER A 85 8.22 -3.66 -14.08
CA SER A 85 8.18 -3.18 -15.46
C SER A 85 7.00 -2.24 -15.67
N ALA B 2 -4.71 -8.49 -1.86
CA ALA B 2 -4.02 -9.37 -0.93
C ALA B 2 -3.94 -8.77 0.46
N GLN B 3 -4.25 -9.57 1.48
CA GLN B 3 -4.23 -9.10 2.86
C GLN B 3 -3.58 -10.13 3.78
N ALA B 4 -2.43 -9.77 4.33
CA ALA B 4 -1.71 -10.66 5.23
C ALA B 4 -2.53 -10.98 6.48
N GLY B 5 -2.52 -12.23 6.88
CA GLY B 5 -3.15 -12.64 8.13
C GLY B 5 -4.63 -12.98 7.90
N ALA B 6 -5.12 -12.68 6.71
CA ALA B 6 -6.52 -12.92 6.37
C ALA B 6 -6.75 -14.37 5.97
N ALA B 7 -7.99 -14.83 6.11
CA ALA B 7 -8.43 -16.05 5.46
C ALA B 7 -8.37 -15.92 3.95
N ASN B 8 -8.54 -14.70 3.45
CA ASN B 8 -8.47 -14.44 2.02
C ASN B 8 -7.04 -14.55 1.51
N ARG B 9 -6.86 -14.34 0.21
CA ARG B 9 -5.54 -14.42 -0.40
C ARG B 9 -4.54 -13.52 0.32
N SER B 10 -3.44 -14.10 0.77
CA SER B 10 -2.39 -13.34 1.45
C SER B 10 -1.45 -12.69 0.44
N LEU B 11 -0.63 -11.76 0.92
CA LEU B 11 0.39 -11.13 0.09
C LEU B 11 1.69 -11.93 0.10
N THR B 12 2.08 -12.44 -1.06
CA THR B 12 3.24 -13.32 -1.16
C THR B 12 4.51 -12.61 -0.74
N GLU B 13 4.69 -11.39 -1.23
CA GLU B 13 5.86 -10.58 -0.88
C GLU B 13 5.53 -9.09 -0.86
N GLY B 14 5.94 -8.41 0.19
CA GLY B 14 5.63 -6.99 0.35
C GLY B 14 4.85 -6.75 1.63
N PHE B 15 4.34 -5.53 1.78
CA PHE B 15 3.57 -5.16 2.96
C PHE B 15 2.20 -4.62 2.59
N VAL B 16 1.28 -4.64 3.55
CA VAL B 16 -0.04 -4.04 3.36
C VAL B 16 -0.24 -2.84 4.29
N LEU B 17 -0.43 -1.67 3.71
CA LEU B 17 -0.46 -0.43 4.47
C LEU B 17 -1.88 0.07 4.66
N ASP B 18 -2.31 0.17 5.92
CA ASP B 18 -3.59 0.76 6.24
C ASP B 18 -3.45 2.22 6.67
N THR B 19 -3.86 3.14 5.79
CA THR B 19 -3.60 4.55 5.99
C THR B 19 -4.72 5.21 6.78
N MET B 20 -5.72 4.43 7.15
CA MET B 20 -6.84 4.93 7.94
C MET B 20 -6.65 4.63 9.43
N ASN B 21 -6.08 3.47 9.72
CA ASN B 21 -5.76 3.09 11.09
C ASN B 21 -4.27 3.26 11.37
N ASP B 22 -3.55 3.82 10.42
CA ASP B 22 -2.13 4.10 10.57
C ASP B 22 -1.38 2.86 11.06
N SER B 23 -1.53 1.76 10.32
CA SER B 23 -0.96 0.48 10.72
C SER B 23 -0.39 -0.27 9.52
N LEU B 24 0.87 -0.66 9.62
CA LEU B 24 1.50 -1.46 8.58
C LEU B 24 1.47 -2.94 8.92
N SER B 25 0.87 -3.74 8.05
CA SER B 25 0.76 -5.17 8.27
C SER B 25 1.83 -5.93 7.50
N LYS B 26 2.47 -6.89 8.17
CA LYS B 26 3.50 -7.71 7.55
C LYS B 26 3.17 -9.20 7.67
N GLY A 32 11.09 6.02 -10.41
CA GLY A 32 11.33 5.97 -8.98
C GLY A 32 10.21 5.22 -8.25
N ILE A 33 9.49 5.94 -7.40
CA ILE A 33 8.32 5.39 -6.74
C ILE A 33 7.07 5.54 -7.59
N ARG A 34 6.38 4.43 -7.84
CA ARG A 34 5.22 4.42 -8.72
C ARG A 34 3.97 3.98 -7.97
N VAL A 35 2.81 4.23 -8.57
CA VAL A 35 1.54 3.85 -7.98
C VAL A 35 0.48 3.60 -9.04
N MET A 36 -0.32 2.55 -8.85
CA MET A 36 -1.42 2.24 -9.75
C MET A 36 -2.62 1.70 -8.99
N ASP A 37 -3.80 1.87 -9.56
CA ASP A 37 -5.04 1.37 -8.96
C ASP A 37 -5.01 -0.16 -8.87
N HIS A 38 -5.55 -0.69 -7.77
CA HIS A 38 -5.69 -2.12 -7.61
C HIS A 38 -6.76 -2.68 -8.56
N PRO A 39 -6.44 -3.81 -9.18
CA PRO A 39 -7.30 -4.36 -10.23
C PRO A 39 -8.56 -4.98 -9.63
N THR A 40 -8.54 -5.21 -8.32
CA THR A 40 -9.65 -5.87 -7.64
C THR A 40 -10.32 -4.91 -6.67
N MET A 41 -9.58 -4.49 -5.65
CA MET A 41 -10.16 -3.77 -4.52
C MET A 41 -10.40 -2.31 -4.87
N PRO A 42 -11.67 -1.90 -4.86
CA PRO A 42 -12.05 -0.55 -5.27
C PRO A 42 -11.27 0.49 -4.49
N ASP A 43 -10.95 0.18 -3.24
CA ASP A 43 -10.31 1.14 -2.34
C ASP A 43 -8.90 0.70 -1.97
N THR A 44 -8.14 0.25 -2.98
CA THR A 44 -6.73 -0.05 -2.79
C THR A 44 -5.92 0.41 -3.99
N GLN A 45 -4.70 0.89 -3.72
CA GLN A 45 -3.72 1.12 -4.78
C GLN A 45 -2.46 0.29 -4.54
N VAL A 46 -1.67 0.09 -5.59
CA VAL A 46 -0.42 -0.65 -5.49
C VAL A 46 0.78 0.27 -5.68
N VAL A 47 1.75 0.16 -4.79
CA VAL A 47 2.89 1.05 -4.80
C VAL A 47 4.19 0.28 -4.99
N VAL A 48 5.04 0.77 -5.89
CA VAL A 48 6.30 0.09 -6.20
C VAL A 48 7.48 0.81 -5.58
N ILE A 49 8.24 0.08 -4.77
CA ILE A 49 9.40 0.65 -4.09
C ILE A 49 10.68 -0.11 -4.44
N PRO A 50 11.47 0.46 -5.33
CA PRO A 50 12.70 -0.19 -5.79
C PRO A 50 13.65 -0.48 -4.63
N LYS A 51 14.49 -1.48 -4.80
CA LYS A 51 15.46 -1.84 -3.77
C LYS A 51 16.42 -0.70 -3.48
N SER A 52 16.71 -0.50 -2.20
CA SER A 52 17.62 0.56 -1.79
C SER A 52 16.87 1.86 -1.53
N ALA A 53 15.59 1.88 -1.91
CA ALA A 53 14.73 3.02 -1.61
C ALA A 53 14.23 2.97 -0.17
N ASP A 54 13.91 4.13 0.37
CA ASP A 54 13.42 4.23 1.74
C ASP A 54 11.91 3.99 1.80
N LEU A 55 11.53 2.78 2.23
CA LEU A 55 10.13 2.41 2.33
C LEU A 55 9.38 3.35 3.26
N GLN A 56 10.07 3.84 4.29
CA GLN A 56 9.43 4.64 5.34
C GLN A 56 9.05 6.01 4.82
N SER A 57 9.88 6.57 3.94
CA SER A 57 9.55 7.81 3.26
C SER A 57 8.34 7.63 2.35
N VAL A 58 8.27 6.49 1.67
CA VAL A 58 7.13 6.17 0.84
C VAL A 58 5.85 6.04 1.66
N ILE A 59 5.94 5.28 2.74
CA ILE A 59 4.79 5.08 3.63
C ILE A 59 4.30 6.40 4.20
N SER A 60 5.23 7.22 4.66
CA SER A 60 4.89 8.51 5.25
C SER A 60 4.02 9.34 4.32
N VAL A 61 4.43 9.43 3.06
CA VAL A 61 3.67 10.16 2.05
C VAL A 61 2.29 9.55 1.86
N LEU A 62 2.23 8.22 1.80
CA LEU A 62 0.98 7.51 1.58
C LEU A 62 0.00 7.76 2.73
N THR A 63 0.51 7.76 3.95
CA THR A 63 -0.31 7.98 5.13
C THR A 63 -0.82 9.41 5.18
N ALA A 64 0.00 10.34 4.69
CA ALA A 64 -0.39 11.75 4.65
C ALA A 64 -1.57 11.97 3.69
N LYS A 65 -1.33 11.72 2.41
CA LYS A 65 -2.34 11.98 1.39
C LYS A 65 -3.50 11.00 1.50
N GLY A 66 -3.23 9.83 2.07
CA GLY A 66 -4.24 8.79 2.20
C GLY A 66 -5.39 9.24 3.10
N LYS A 67 -5.12 10.24 3.93
CA LYS A 67 -6.10 10.74 4.88
C LYS A 67 -6.59 12.12 4.51
N GLU A 68 -5.73 12.87 3.81
CA GLU A 68 -6.09 14.20 3.34
C GLU A 68 -7.39 14.18 2.55
N ALA A 69 -7.54 13.19 1.68
CA ALA A 69 -8.77 12.98 0.94
C ALA A 69 -9.55 11.78 1.48
N GLY A 70 -9.16 10.60 1.04
CA GLY A 70 -9.73 9.36 1.58
C GLY A 70 -10.93 8.90 0.76
N PRO A 71 -11.03 7.61 0.54
CA PRO A 71 -12.17 7.03 -0.18
C PRO A 71 -13.35 6.83 0.75
N GLN A 72 -14.41 6.21 0.23
CA GLN A 72 -15.56 5.85 1.03
C GLN A 72 -15.20 4.76 2.04
N GLY A 73 -14.35 3.83 1.62
CA GLY A 73 -13.97 2.71 2.46
C GLY A 73 -12.62 2.96 3.12
N ARG A 74 -11.95 1.87 3.53
CA ARG A 74 -10.63 1.96 4.13
C ARG A 74 -9.55 2.07 3.07
N ASN A 75 -8.65 3.03 3.24
CA ASN A 75 -7.64 3.32 2.23
C ASN A 75 -6.41 2.44 2.40
N LYS A 76 -6.29 1.43 1.56
CA LYS A 76 -5.19 0.48 1.66
C LYS A 76 -4.20 0.66 0.51
N PHE A 77 -2.93 0.37 0.78
CA PHE A 77 -1.93 0.29 -0.28
C PHE A 77 -1.16 -1.02 -0.20
N ILE A 78 -0.81 -1.56 -1.36
CA ILE A 78 0.06 -2.74 -1.43
C ILE A 78 1.49 -2.35 -1.78
N LEU A 79 2.41 -2.63 -0.87
CA LEU A 79 3.78 -2.16 -1.00
C LEU A 79 4.69 -3.27 -1.54
N LEU A 80 5.20 -3.07 -2.75
CA LEU A 80 6.02 -4.07 -3.41
C LEU A 80 7.49 -3.68 -3.40
N SER A 81 8.33 -4.54 -2.83
CA SER A 81 9.74 -4.26 -2.69
C SER A 81 10.53 -4.78 -3.90
N GLY A 82 11.05 -3.85 -4.70
CA GLY A 82 11.74 -4.20 -5.93
C GLY A 82 10.92 -3.79 -7.15
N ASP A 83 11.32 -4.29 -8.32
CA ASP A 83 10.70 -3.88 -9.57
C ASP A 83 10.86 -4.95 -10.65
N THR A 84 10.21 -4.75 -11.78
CA THR A 84 10.29 -5.69 -12.90
C THR A 84 10.70 -4.99 -14.18
N SER A 85 11.75 -5.50 -14.82
CA SER A 85 12.23 -4.94 -16.07
C SER A 85 11.68 -5.72 -17.26
N ALA B 2 -2.74 -12.00 1.57
CA ALA B 2 -2.67 -12.94 2.68
C ALA B 2 -3.98 -12.99 3.45
N GLN B 3 -4.28 -14.15 4.02
CA GLN B 3 -5.58 -14.39 4.65
C GLN B 3 -5.54 -14.06 6.13
N ALA B 4 -6.37 -13.11 6.55
CA ALA B 4 -6.50 -12.77 7.96
C ALA B 4 -7.51 -13.67 8.65
N GLY B 5 -7.46 -13.68 9.98
CA GLY B 5 -8.41 -14.45 10.77
C GLY B 5 -7.71 -15.21 11.89
N ALA B 6 -6.39 -15.18 11.87
CA ALA B 6 -5.59 -15.86 12.90
C ALA B 6 -5.10 -14.85 13.94
N ALA B 7 -5.89 -13.81 14.18
CA ALA B 7 -5.49 -12.73 15.07
C ALA B 7 -4.20 -12.08 14.59
N ASN B 8 -3.91 -12.22 13.30
CA ASN B 8 -2.70 -11.65 12.72
C ASN B 8 -2.73 -11.72 11.20
N ARG B 9 -1.68 -11.22 10.56
CA ARG B 9 -1.50 -11.39 9.12
C ARG B 9 -0.03 -11.28 8.73
N SER B 10 0.37 -12.07 7.74
CA SER B 10 1.76 -12.07 7.28
C SER B 10 1.83 -12.25 5.77
N LEU B 11 2.58 -11.36 5.11
CA LEU B 11 2.79 -11.46 3.67
C LEU B 11 4.19 -11.93 3.35
N THR B 12 4.36 -12.49 2.16
CA THR B 12 5.68 -12.85 1.66
C THR B 12 6.15 -11.86 0.60
N GLU B 13 7.33 -11.28 0.82
CA GLU B 13 7.90 -10.32 -0.12
C GLU B 13 6.90 -9.24 -0.48
N GLY B 14 6.40 -8.54 0.52
CA GLY B 14 5.48 -7.42 0.31
C GLY B 14 4.76 -7.05 1.59
N PHE B 15 4.15 -5.86 1.60
CA PHE B 15 3.45 -5.38 2.78
C PHE B 15 2.08 -4.82 2.41
N VAL B 16 1.20 -4.73 3.39
CA VAL B 16 -0.07 -4.02 3.24
C VAL B 16 -0.17 -2.85 4.20
N LEU B 17 -0.37 -1.66 3.65
CA LEU B 17 -0.39 -0.44 4.46
C LEU B 17 -1.81 0.07 4.65
N ASP B 18 -2.22 0.25 5.90
CA ASP B 18 -3.48 0.90 6.22
C ASP B 18 -3.26 2.35 6.64
N THR B 19 -3.61 3.28 5.77
CA THR B 19 -3.29 4.68 5.95
C THR B 19 -4.34 5.39 6.80
N MET B 20 -5.38 4.65 7.17
CA MET B 20 -6.48 5.21 7.94
C MET B 20 -6.32 4.89 9.42
N ASN B 21 -5.76 3.72 9.72
CA ASN B 21 -5.53 3.32 11.10
C ASN B 21 -4.05 3.39 11.46
N ASP B 22 -3.26 4.01 10.58
CA ASP B 22 -1.85 4.22 10.83
C ASP B 22 -1.15 2.92 11.23
N SER B 23 -1.33 1.89 10.41
CA SER B 23 -0.83 0.56 10.74
C SER B 23 -0.30 -0.15 9.51
N LEU B 24 0.91 -0.69 9.61
CA LEU B 24 1.49 -1.49 8.54
C LEU B 24 1.44 -2.97 8.87
N SER B 25 0.90 -3.76 7.94
CA SER B 25 0.83 -5.20 8.11
C SER B 25 2.00 -5.90 7.41
N LYS B 26 2.86 -6.54 8.20
CA LYS B 26 4.07 -7.16 7.67
C LYS B 26 3.89 -8.66 7.50
N GLY A 32 13.54 5.90 -8.41
CA GLY A 32 12.39 6.35 -7.64
C GLY A 32 11.34 5.25 -7.51
N ILE A 33 10.12 5.63 -7.14
CA ILE A 33 9.05 4.67 -6.91
C ILE A 33 7.86 4.94 -7.81
N ARG A 34 6.95 3.99 -7.87
CA ARG A 34 5.78 4.09 -8.75
C ARG A 34 4.50 3.73 -8.02
N VAL A 35 3.38 4.20 -8.54
CA VAL A 35 2.09 4.00 -7.89
C VAL A 35 0.98 3.84 -8.92
N MET A 36 0.15 2.80 -8.72
CA MET A 36 -0.98 2.56 -9.60
C MET A 36 -2.19 2.04 -8.83
N ASP A 37 -3.37 2.25 -9.38
CA ASP A 37 -4.60 1.71 -8.79
C ASP A 37 -4.60 0.19 -8.80
N HIS A 38 -5.09 -0.42 -7.74
CA HIS A 38 -5.20 -1.86 -7.65
C HIS A 38 -6.08 -2.42 -8.75
N PRO A 39 -5.63 -3.49 -9.40
CA PRO A 39 -6.34 -4.06 -10.54
C PRO A 39 -7.78 -4.39 -10.18
N THR A 40 -8.00 -4.74 -8.92
CA THR A 40 -9.29 -5.24 -8.48
C THR A 40 -9.92 -4.32 -7.43
N MET A 41 -9.22 -4.17 -6.30
CA MET A 41 -9.82 -3.61 -5.10
C MET A 41 -10.06 -2.11 -5.25
N PRO A 42 -11.33 -1.72 -5.25
CA PRO A 42 -11.71 -0.33 -5.51
C PRO A 42 -11.06 0.61 -4.50
N ASP A 43 -10.72 0.08 -3.33
CA ASP A 43 -10.23 0.89 -2.23
C ASP A 43 -8.77 0.56 -1.90
N THR A 44 -8.00 0.23 -2.93
CA THR A 44 -6.59 -0.09 -2.75
C THR A 44 -5.76 0.44 -3.93
N GLN A 45 -4.55 0.90 -3.63
CA GLN A 45 -3.56 1.19 -4.65
C GLN A 45 -2.31 0.34 -4.46
N VAL A 46 -1.49 0.27 -5.49
CA VAL A 46 -0.29 -0.57 -5.47
C VAL A 46 0.97 0.27 -5.59
N VAL A 47 1.98 -0.09 -4.79
CA VAL A 47 3.22 0.69 -4.76
C VAL A 47 4.42 -0.20 -5.09
N VAL A 48 5.30 0.30 -5.95
CA VAL A 48 6.47 -0.45 -6.37
C VAL A 48 7.75 0.17 -5.82
N ILE A 49 8.55 -0.65 -5.15
CA ILE A 49 9.74 -0.15 -4.45
C ILE A 49 11.00 -0.82 -4.98
N PRO A 50 11.62 -0.19 -5.98
CA PRO A 50 12.91 -0.65 -6.49
C PRO A 50 13.96 -0.67 -5.40
N LYS A 51 15.00 -1.47 -5.59
CA LYS A 51 16.05 -1.63 -4.61
C LYS A 51 16.64 -0.27 -4.20
N SER A 52 16.69 -0.02 -2.90
CA SER A 52 17.38 1.15 -2.38
C SER A 52 16.44 2.35 -2.29
N ALA A 53 15.25 2.20 -2.85
CA ALA A 53 14.22 3.23 -2.75
C ALA A 53 13.70 3.35 -1.32
N ASP A 54 13.40 4.59 -0.91
CA ASP A 54 13.10 4.88 0.49
C ASP A 54 11.62 4.66 0.79
N LEU A 55 11.25 3.39 0.99
CA LEU A 55 9.87 3.04 1.27
C LEU A 55 9.35 3.80 2.49
N GLN A 56 10.19 3.95 3.50
CA GLN A 56 9.80 4.57 4.76
C GLN A 56 9.25 5.98 4.52
N SER A 57 9.98 6.77 3.73
CA SER A 57 9.53 8.10 3.36
C SER A 57 8.25 8.05 2.53
N VAL A 58 8.17 7.06 1.64
CA VAL A 58 7.01 6.92 0.76
C VAL A 58 5.74 6.65 1.56
N ILE A 59 5.85 5.76 2.54
CA ILE A 59 4.71 5.43 3.40
C ILE A 59 4.15 6.66 4.06
N SER A 60 5.03 7.52 4.57
CA SER A 60 4.62 8.75 5.22
C SER A 60 3.86 9.65 4.26
N VAL A 61 4.38 9.80 3.05
CA VAL A 61 3.74 10.61 2.03
C VAL A 61 2.38 10.05 1.65
N LEU A 62 2.32 8.74 1.43
CA LEU A 62 1.09 8.10 0.97
C LEU A 62 0.02 8.10 2.05
N THR A 63 0.45 7.87 3.30
CA THR A 63 -0.48 7.81 4.42
C THR A 63 -1.25 9.12 4.57
N ALA A 64 -0.53 10.23 4.47
CA ALA A 64 -1.15 11.54 4.54
C ALA A 64 -2.18 11.73 3.44
N LYS A 65 -1.76 11.50 2.20
CA LYS A 65 -2.63 11.67 1.05
C LYS A 65 -3.75 10.62 1.05
N GLY A 66 -3.48 9.49 1.69
CA GLY A 66 -4.45 8.41 1.76
C GLY A 66 -5.65 8.79 2.63
N LYS A 67 -5.50 9.88 3.37
CA LYS A 67 -6.55 10.35 4.27
C LYS A 67 -7.10 11.69 3.82
N GLU A 68 -6.24 12.52 3.24
CA GLU A 68 -6.64 13.81 2.71
C GLU A 68 -7.81 13.67 1.75
N ALA A 69 -7.71 12.69 0.84
CA ALA A 69 -8.78 12.40 -0.09
C ALA A 69 -9.34 11.00 0.11
N GLY A 70 -8.62 10.00 -0.42
CA GLY A 70 -8.96 8.61 -0.18
C GLY A 70 -10.10 8.15 -1.09
N PRO A 71 -10.33 6.85 -1.15
CA PRO A 71 -11.45 6.30 -1.88
C PRO A 71 -12.74 6.39 -1.07
N GLN A 72 -13.78 5.70 -1.52
CA GLN A 72 -15.04 5.62 -0.79
C GLN A 72 -14.86 4.86 0.52
N GLY A 73 -14.08 3.79 0.47
CA GLY A 73 -13.79 3.00 1.67
C GLY A 73 -12.48 3.43 2.31
N ARG A 74 -11.82 2.48 2.97
CA ARG A 74 -10.56 2.77 3.65
C ARG A 74 -9.37 2.58 2.72
N ASN A 75 -8.50 3.58 2.68
CA ASN A 75 -7.37 3.58 1.75
C ASN A 75 -6.28 2.61 2.21
N LYS A 76 -6.01 1.61 1.39
CA LYS A 76 -4.87 0.72 1.63
C LYS A 76 -3.90 0.77 0.45
N PHE A 77 -2.62 0.51 0.74
CA PHE A 77 -1.62 0.34 -0.30
C PHE A 77 -1.01 -1.05 -0.26
N ILE A 78 -0.63 -1.57 -1.42
CA ILE A 78 0.11 -2.82 -1.51
C ILE A 78 1.57 -2.57 -1.84
N LEU A 79 2.45 -2.97 -0.93
CA LEU A 79 3.87 -2.63 -1.04
C LEU A 79 4.68 -3.80 -1.60
N LEU A 80 5.20 -3.62 -2.80
CA LEU A 80 5.90 -4.68 -3.50
C LEU A 80 7.39 -4.36 -3.62
N SER A 81 8.22 -5.38 -3.39
CA SER A 81 9.68 -5.19 -3.37
C SER A 81 10.28 -5.39 -4.75
N GLY A 82 11.04 -4.41 -5.21
CA GLY A 82 11.68 -4.48 -6.52
C GLY A 82 10.81 -3.85 -7.59
N ASP A 83 11.40 -3.64 -8.76
CA ASP A 83 10.67 -3.08 -9.90
C ASP A 83 9.88 -4.17 -10.64
N THR A 84 8.56 -4.08 -10.57
CA THR A 84 7.70 -5.15 -11.04
C THR A 84 7.31 -4.95 -12.50
N SER A 85 7.80 -3.87 -13.09
CA SER A 85 7.53 -3.57 -14.49
C SER A 85 8.30 -4.49 -15.42
N ALA B 2 -7.75 -9.96 -0.40
CA ALA B 2 -7.16 -9.94 0.93
C ALA B 2 -7.86 -10.92 1.87
N GLN B 3 -7.13 -11.42 2.85
CA GLN B 3 -7.66 -12.42 3.77
C GLN B 3 -7.75 -11.88 5.19
N ALA B 4 -8.94 -11.97 5.77
CA ALA B 4 -9.16 -11.47 7.13
C ALA B 4 -8.82 -12.54 8.16
N GLY B 5 -8.47 -12.11 9.37
CA GLY B 5 -8.33 -13.01 10.50
C GLY B 5 -7.06 -12.71 11.29
N ALA B 6 -6.43 -11.58 10.99
CA ALA B 6 -5.19 -11.19 11.66
C ALA B 6 -5.32 -9.81 12.28
N ALA B 7 -6.38 -9.61 13.05
CA ALA B 7 -6.72 -8.27 13.54
C ALA B 7 -6.93 -7.30 12.39
N ASN B 8 -7.01 -7.83 11.18
CA ASN B 8 -7.16 -7.01 9.99
C ASN B 8 -7.44 -7.86 8.76
N ARG B 9 -7.50 -7.21 7.60
CA ARG B 9 -7.62 -7.94 6.33
C ARG B 9 -6.51 -7.52 5.37
N SER B 10 -5.60 -8.46 5.09
CA SER B 10 -4.36 -8.13 4.40
C SER B 10 -4.11 -9.08 3.23
N LEU B 11 -3.14 -8.75 2.40
CA LEU B 11 -2.84 -9.53 1.21
C LEU B 11 -1.57 -10.36 1.40
N THR B 12 -1.63 -11.61 0.94
CA THR B 12 -0.50 -12.54 1.11
C THR B 12 0.76 -11.98 0.45
N GLU B 13 0.61 -11.41 -0.73
CA GLU B 13 1.75 -10.90 -1.49
C GLU B 13 2.06 -9.46 -1.13
N GLY B 14 3.27 -9.21 -0.66
CA GLY B 14 3.69 -7.86 -0.29
C GLY B 14 3.10 -7.46 1.06
N PHE B 15 3.37 -6.22 1.47
CA PHE B 15 2.81 -5.68 2.69
C PHE B 15 1.60 -4.79 2.39
N VAL B 16 0.75 -4.61 3.39
CA VAL B 16 -0.44 -3.77 3.25
C VAL B 16 -0.42 -2.60 4.21
N LEU B 17 -0.45 -1.39 3.66
CA LEU B 17 -0.45 -0.18 4.48
C LEU B 17 -1.86 0.26 4.81
N ASP B 18 -2.21 0.19 6.10
CA ASP B 18 -3.54 0.62 6.55
C ASP B 18 -3.51 2.08 6.98
N THR B 19 -3.92 2.97 6.08
CA THR B 19 -3.77 4.40 6.29
C THR B 19 -4.83 4.94 7.24
N MET B 20 -5.80 4.10 7.56
CA MET B 20 -6.90 4.50 8.45
C MET B 20 -6.54 4.26 9.90
N ASN B 21 -5.83 3.18 10.16
CA ASN B 21 -5.37 2.86 11.52
C ASN B 21 -3.89 3.22 11.69
N ASP B 22 -3.34 3.91 10.70
CA ASP B 22 -1.96 4.37 10.77
C ASP B 22 -1.01 3.25 11.15
N SER B 23 -1.16 2.10 10.48
CA SER B 23 -0.40 0.91 10.81
C SER B 23 -0.08 0.10 9.56
N LEU B 24 1.17 -0.38 9.48
CA LEU B 24 1.59 -1.23 8.37
C LEU B 24 1.45 -2.71 8.72
N SER B 25 0.67 -3.43 7.93
CA SER B 25 0.47 -4.85 8.16
C SER B 25 1.47 -5.69 7.38
N LYS B 26 2.19 -6.55 8.09
CA LYS B 26 3.18 -7.42 7.47
C LYS B 26 2.80 -8.89 7.61
N GLY A 32 10.63 8.00 -8.58
CA GLY A 32 10.79 7.26 -7.34
C GLY A 32 9.89 6.04 -7.30
N ILE A 33 8.80 6.13 -6.55
CA ILE A 33 7.83 5.04 -6.46
C ILE A 33 6.86 5.07 -7.64
N ARG A 34 6.22 3.94 -7.90
CA ARG A 34 5.17 3.86 -8.91
C ARG A 34 3.83 3.52 -8.29
N VAL A 35 2.78 4.19 -8.74
CA VAL A 35 1.46 4.06 -8.14
C VAL A 35 0.41 3.66 -9.18
N MET A 36 -0.25 2.54 -8.93
CA MET A 36 -1.24 2.03 -9.88
C MET A 36 -2.49 1.55 -9.15
N ASP A 37 -3.63 1.60 -9.84
CA ASP A 37 -4.88 1.05 -9.32
C ASP A 37 -4.95 -0.46 -9.50
N HIS A 38 -5.23 -1.18 -8.43
CA HIS A 38 -5.33 -2.63 -8.48
C HIS A 38 -6.51 -3.06 -9.36
N PRO A 39 -6.25 -4.01 -10.25
CA PRO A 39 -7.26 -4.46 -11.19
C PRO A 39 -8.54 -4.87 -10.47
N THR A 40 -8.38 -5.52 -9.33
CA THR A 40 -9.51 -6.15 -8.64
C THR A 40 -9.56 -5.73 -7.18
N MET A 41 -9.32 -4.46 -6.91
CA MET A 41 -9.60 -3.87 -5.62
C MET A 41 -10.07 -2.42 -5.76
N PRO A 42 -11.37 -2.22 -5.59
CA PRO A 42 -11.97 -0.90 -5.79
C PRO A 42 -11.33 0.12 -4.85
N ASP A 43 -10.80 -0.36 -3.72
CA ASP A 43 -10.26 0.52 -2.70
C ASP A 43 -8.90 0.03 -2.22
N THR A 44 -8.04 -0.32 -3.17
CA THR A 44 -6.63 -0.56 -2.87
C THR A 44 -5.75 -0.20 -4.06
N GLN A 45 -4.67 0.52 -3.80
CA GLN A 45 -3.70 0.88 -4.84
C GLN A 45 -2.37 0.17 -4.63
N VAL A 46 -1.67 -0.10 -5.73
CA VAL A 46 -0.36 -0.73 -5.66
C VAL A 46 0.76 0.29 -5.70
N VAL A 47 1.75 0.11 -4.83
CA VAL A 47 2.92 0.98 -4.81
C VAL A 47 4.21 0.17 -4.92
N VAL A 48 5.07 0.55 -5.86
CA VAL A 48 6.33 -0.15 -6.07
C VAL A 48 7.51 0.69 -5.62
N ILE A 49 8.33 0.13 -4.73
CA ILE A 49 9.44 0.86 -4.16
C ILE A 49 10.78 0.33 -4.67
N PRO A 50 11.59 1.21 -5.24
CA PRO A 50 12.85 0.80 -5.86
C PRO A 50 13.91 0.51 -4.79
N LYS A 51 14.97 -0.16 -5.21
CA LYS A 51 16.00 -0.62 -4.27
C LYS A 51 16.76 0.58 -3.68
N SER A 52 17.04 0.50 -2.38
CA SER A 52 17.83 1.53 -1.71
C SER A 52 16.94 2.67 -1.22
N ALA A 53 15.68 2.65 -1.63
CA ALA A 53 14.72 3.65 -1.19
C ALA A 53 14.26 3.36 0.24
N ASP A 54 13.93 4.42 0.97
CA ASP A 54 13.40 4.29 2.32
C ASP A 54 11.91 4.02 2.31
N LEU A 55 11.54 2.78 2.63
CA LEU A 55 10.14 2.38 2.64
C LEU A 55 9.31 3.27 3.57
N GLN A 56 9.92 3.65 4.69
CA GLN A 56 9.21 4.43 5.71
C GLN A 56 8.87 5.82 5.20
N SER A 57 9.78 6.39 4.41
CA SER A 57 9.53 7.68 3.77
C SER A 57 8.40 7.58 2.76
N VAL A 58 8.36 6.46 2.03
CA VAL A 58 7.28 6.19 1.10
C VAL A 58 5.94 6.04 1.84
N ILE A 59 5.96 5.28 2.93
CA ILE A 59 4.78 5.10 3.76
C ILE A 59 4.26 6.43 4.28
N SER A 60 5.17 7.26 4.76
CA SER A 60 4.81 8.56 5.30
C SER A 60 4.02 9.39 4.31
N VAL A 61 4.47 9.40 3.06
CA VAL A 61 3.78 10.10 1.99
C VAL A 61 2.39 9.53 1.77
N LEU A 62 2.29 8.21 1.77
CA LEU A 62 1.03 7.52 1.49
C LEU A 62 0.01 7.79 2.59
N THR A 63 0.47 7.80 3.84
CA THR A 63 -0.42 8.02 4.97
C THR A 63 -0.95 9.45 4.98
N ALA A 64 -0.12 10.39 4.54
CA ALA A 64 -0.53 11.78 4.44
C ALA A 64 -1.65 11.95 3.43
N LYS A 65 -1.39 11.57 2.19
CA LYS A 65 -2.35 11.73 1.10
C LYS A 65 -3.52 10.76 1.25
N GLY A 66 -3.25 9.63 1.88
CA GLY A 66 -4.26 8.58 2.05
C GLY A 66 -5.48 9.11 2.80
N LYS A 67 -5.23 10.03 3.72
CA LYS A 67 -6.31 10.58 4.55
C LYS A 67 -6.80 11.91 4.00
N GLU A 68 -5.93 12.61 3.28
CA GLU A 68 -6.27 13.90 2.71
C GLU A 68 -7.54 13.81 1.86
N ALA A 69 -7.64 12.77 1.05
CA ALA A 69 -8.82 12.53 0.25
C ALA A 69 -9.58 11.30 0.74
N GLY A 70 -9.21 10.14 0.22
CA GLY A 70 -9.70 8.87 0.74
C GLY A 70 -10.95 8.42 0.01
N PRO A 71 -11.13 7.10 -0.08
CA PRO A 71 -12.32 6.54 -0.70
C PRO A 71 -13.49 6.56 0.28
N GLN A 72 -14.64 6.03 -0.17
CA GLN A 72 -15.78 5.85 0.71
C GLN A 72 -15.49 4.83 1.80
N GLY A 73 -14.69 3.82 1.45
CA GLY A 73 -14.30 2.80 2.42
C GLY A 73 -12.92 3.09 2.99
N ARG A 74 -12.17 2.03 3.27
CA ARG A 74 -10.83 2.17 3.83
C ARG A 74 -9.79 2.37 2.74
N ASN A 75 -8.72 3.09 3.07
CA ASN A 75 -7.65 3.35 2.12
C ASN A 75 -6.43 2.48 2.39
N LYS A 76 -6.25 1.45 1.56
CA LYS A 76 -5.12 0.54 1.72
C LYS A 76 -4.18 0.62 0.52
N PHE A 77 -2.89 0.39 0.77
CA PHE A 77 -1.90 0.29 -0.29
C PHE A 77 -1.15 -1.02 -0.21
N ILE A 78 -0.73 -1.53 -1.37
CA ILE A 78 0.17 -2.68 -1.43
C ILE A 78 1.60 -2.26 -1.72
N LEU A 79 2.51 -2.66 -0.85
CA LEU A 79 3.90 -2.21 -0.93
C LEU A 79 4.81 -3.29 -1.51
N LEU A 80 5.33 -3.03 -2.70
CA LEU A 80 6.14 -4.02 -3.41
C LEU A 80 7.57 -3.54 -3.56
N SER A 81 8.50 -4.49 -3.66
CA SER A 81 9.90 -4.17 -3.92
C SER A 81 10.27 -4.43 -5.37
N GLY A 82 10.90 -3.44 -6.01
CA GLY A 82 11.37 -3.59 -7.37
C GLY A 82 11.55 -2.24 -8.05
N ASP A 83 12.40 -2.19 -9.06
CA ASP A 83 12.69 -0.95 -9.77
C ASP A 83 11.45 -0.41 -10.47
N THR A 84 11.35 0.91 -10.57
CA THR A 84 10.27 1.55 -11.30
C THR A 84 10.77 2.10 -12.64
N SER A 85 12.07 1.97 -12.88
CA SER A 85 12.68 2.52 -14.08
C SER A 85 12.87 1.44 -15.14
N ALA B 2 -7.55 -10.86 -1.49
CA ALA B 2 -7.30 -11.87 -0.47
C ALA B 2 -8.58 -12.56 -0.04
N GLN B 3 -8.47 -13.50 0.90
CA GLN B 3 -9.59 -14.36 1.27
C GLN B 3 -10.83 -13.55 1.59
N ALA B 4 -11.93 -13.87 0.92
CA ALA B 4 -13.20 -13.19 1.16
C ALA B 4 -13.64 -13.35 2.60
N GLY B 5 -14.11 -12.26 3.21
CA GLY B 5 -14.58 -12.29 4.58
C GLY B 5 -13.44 -12.01 5.56
N ALA B 6 -12.22 -12.00 5.06
CA ALA B 6 -11.05 -11.74 5.89
C ALA B 6 -10.99 -10.28 6.31
N ALA B 7 -11.68 -9.43 5.56
CA ALA B 7 -11.70 -8.00 5.86
C ALA B 7 -10.30 -7.41 5.83
N ASN B 8 -9.43 -7.99 5.02
CA ASN B 8 -8.06 -7.51 4.89
C ASN B 8 -7.54 -7.69 3.47
N ARG B 9 -6.24 -7.50 3.28
CA ARG B 9 -5.63 -7.62 1.96
C ARG B 9 -4.39 -8.51 2.01
N SER B 10 -4.47 -9.59 2.78
CA SER B 10 -3.33 -10.48 2.97
C SER B 10 -2.69 -10.84 1.63
N LEU B 11 -1.37 -10.72 1.58
CA LEU B 11 -0.65 -10.90 0.32
C LEU B 11 0.23 -12.15 0.37
N THR B 12 0.46 -12.76 -0.79
CA THR B 12 1.56 -13.69 -0.96
C THR B 12 2.92 -12.99 -0.86
N GLU B 13 3.00 -11.80 -1.45
CA GLU B 13 4.24 -11.04 -1.45
C GLU B 13 3.96 -9.55 -1.33
N GLY B 14 4.77 -8.86 -0.53
CA GLY B 14 4.59 -7.43 -0.29
C GLY B 14 3.86 -7.18 1.02
N PHE B 15 3.78 -5.91 1.41
CA PHE B 15 3.14 -5.54 2.67
C PHE B 15 1.82 -4.82 2.42
N VAL B 16 0.99 -4.75 3.44
CA VAL B 16 -0.28 -4.03 3.36
C VAL B 16 -0.31 -2.83 4.28
N LEU B 17 -0.45 -1.65 3.69
CA LEU B 17 -0.42 -0.40 4.45
C LEU B 17 -1.82 0.15 4.65
N ASP B 18 -2.22 0.33 5.91
CA ASP B 18 -3.47 1.00 6.24
C ASP B 18 -3.25 2.47 6.55
N THR B 19 -3.59 3.33 5.59
CA THR B 19 -3.25 4.74 5.67
C THR B 19 -4.33 5.52 6.43
N MET B 20 -5.38 4.81 6.87
CA MET B 20 -6.43 5.41 7.66
C MET B 20 -6.19 5.21 9.14
N ASN B 21 -5.61 4.07 9.50
CA ASN B 21 -5.24 3.80 10.88
C ASN B 21 -3.73 3.92 11.08
N ASP B 22 -3.04 4.39 10.05
CA ASP B 22 -1.60 4.65 10.15
C ASP B 22 -0.86 3.44 10.70
N SER B 23 -1.09 2.28 10.08
CA SER B 23 -0.50 1.03 10.56
C SER B 23 -0.10 0.13 9.41
N LEU B 24 1.12 -0.39 9.47
CA LEU B 24 1.62 -1.32 8.45
C LEU B 24 1.42 -2.76 8.88
N SER B 25 0.71 -3.53 8.07
CA SER B 25 0.45 -4.94 8.35
C SER B 25 1.47 -5.83 7.67
N LYS B 26 2.12 -6.69 8.45
CA LYS B 26 3.13 -7.60 7.93
C LYS B 26 3.54 -8.63 8.96
N GLY A 32 12.97 6.48 -8.12
CA GLY A 32 11.77 6.90 -7.42
C GLY A 32 10.81 5.72 -7.23
N ILE A 33 9.53 6.02 -7.06
CA ILE A 33 8.50 5.00 -6.91
C ILE A 33 7.39 5.17 -7.94
N ARG A 34 6.53 4.17 -8.04
CA ARG A 34 5.36 4.25 -8.90
C ARG A 34 4.09 3.85 -8.17
N VAL A 35 2.96 4.43 -8.57
CA VAL A 35 1.69 4.17 -7.92
C VAL A 35 0.58 3.94 -8.94
N MET A 36 -0.19 2.88 -8.74
CA MET A 36 -1.28 2.54 -9.65
C MET A 36 -2.46 1.95 -8.89
N ASP A 37 -3.67 2.19 -9.41
CA ASP A 37 -4.88 1.64 -8.80
C ASP A 37 -4.91 0.13 -8.90
N HIS A 38 -5.49 -0.52 -7.90
CA HIS A 38 -5.70 -1.96 -7.93
C HIS A 38 -6.76 -2.33 -8.95
N PRO A 39 -6.48 -3.38 -9.72
CA PRO A 39 -7.34 -3.76 -10.85
C PRO A 39 -8.62 -4.40 -10.37
N THR A 40 -8.63 -4.88 -9.13
CA THR A 40 -9.76 -5.59 -8.58
C THR A 40 -10.49 -4.76 -7.53
N MET A 41 -9.76 -4.28 -6.54
CA MET A 41 -10.35 -3.63 -5.37
C MET A 41 -10.28 -2.12 -5.50
N PRO A 42 -11.45 -1.49 -5.65
CA PRO A 42 -11.52 -0.05 -5.84
C PRO A 42 -10.87 0.69 -4.68
N ASP A 43 -10.92 0.08 -3.49
CA ASP A 43 -10.48 0.75 -2.28
C ASP A 43 -8.99 0.53 -2.02
N THR A 44 -8.32 -0.10 -2.97
CA THR A 44 -6.92 -0.47 -2.81
C THR A 44 -6.07 0.10 -3.94
N GLN A 45 -4.88 0.58 -3.60
CA GLN A 45 -3.90 0.98 -4.59
C GLN A 45 -2.58 0.25 -4.40
N VAL A 46 -1.75 0.27 -5.45
CA VAL A 46 -0.50 -0.49 -5.44
C VAL A 46 0.69 0.43 -5.63
N VAL A 47 1.74 0.21 -4.84
CA VAL A 47 2.93 1.04 -4.90
C VAL A 47 4.18 0.19 -5.14
N VAL A 48 5.03 0.66 -6.05
CA VAL A 48 6.26 -0.06 -6.37
C VAL A 48 7.49 0.65 -5.82
N ILE A 49 8.20 -0.03 -4.92
CA ILE A 49 9.36 0.56 -4.27
C ILE A 49 10.62 -0.25 -4.56
N PRO A 50 11.59 0.41 -5.19
CA PRO A 50 12.81 -0.27 -5.61
C PRO A 50 13.75 -0.51 -4.43
N LYS A 51 14.71 -1.41 -4.63
CA LYS A 51 15.62 -1.79 -3.55
C LYS A 51 16.48 -0.61 -3.12
N SER A 52 16.60 -0.42 -1.81
CA SER A 52 17.47 0.61 -1.26
C SER A 52 16.72 1.93 -1.12
N ALA A 53 15.51 1.98 -1.67
CA ALA A 53 14.64 3.14 -1.49
C ALA A 53 14.18 3.27 -0.04
N ASP A 54 13.96 4.50 0.40
CA ASP A 54 13.49 4.76 1.76
C ASP A 54 12.00 4.48 1.89
N LEU A 55 11.66 3.21 2.10
CA LEU A 55 10.26 2.80 2.19
C LEU A 55 9.52 3.58 3.26
N GLN A 56 10.22 3.89 4.36
CA GLN A 56 9.61 4.55 5.50
C GLN A 56 9.11 5.94 5.13
N SER A 57 9.91 6.66 4.35
CA SER A 57 9.51 7.96 3.81
C SER A 57 8.33 7.82 2.84
N VAL A 58 8.38 6.77 2.03
CA VAL A 58 7.29 6.49 1.11
C VAL A 58 5.98 6.24 1.85
N ILE A 59 6.06 5.43 2.91
CA ILE A 59 4.88 5.13 3.72
C ILE A 59 4.26 6.41 4.30
N SER A 60 5.12 7.30 4.79
CA SER A 60 4.66 8.57 5.35
C SER A 60 3.90 9.37 4.31
N VAL A 61 4.42 9.44 3.10
CA VAL A 61 3.75 10.14 2.01
C VAL A 61 2.42 9.47 1.66
N LEU A 62 2.44 8.15 1.57
CA LEU A 62 1.24 7.39 1.23
C LEU A 62 0.16 7.57 2.30
N THR A 63 0.58 7.57 3.56
CA THR A 63 -0.35 7.71 4.68
C THR A 63 -1.05 9.06 4.65
N ALA A 64 -0.28 10.11 4.43
CA ALA A 64 -0.81 11.47 4.41
C ALA A 64 -1.93 11.59 3.37
N LYS A 65 -1.61 11.26 2.13
CA LYS A 65 -2.54 11.45 1.02
C LYS A 65 -3.63 10.37 1.03
N GLY A 66 -3.26 9.18 1.50
CA GLY A 66 -4.21 8.08 1.59
C GLY A 66 -5.35 8.39 2.54
N LYS A 67 -5.08 9.24 3.52
CA LYS A 67 -6.07 9.62 4.52
C LYS A 67 -6.70 10.96 4.18
N GLU A 68 -5.90 11.87 3.63
CA GLU A 68 -6.38 13.19 3.26
C GLU A 68 -7.60 13.10 2.34
N ALA A 69 -7.50 12.24 1.33
CA ALA A 69 -8.62 11.99 0.42
C ALA A 69 -9.15 10.57 0.58
N GLY A 70 -8.46 9.62 -0.04
CA GLY A 70 -8.81 8.21 0.10
C GLY A 70 -10.14 7.91 -0.58
N PRO A 71 -10.57 6.65 -0.48
CA PRO A 71 -11.88 6.25 -0.98
C PRO A 71 -12.99 6.66 -0.01
N GLN A 72 -14.16 6.05 -0.17
CA GLN A 72 -15.26 6.24 0.77
C GLN A 72 -14.87 5.81 2.17
N GLY A 73 -14.02 4.79 2.26
CA GLY A 73 -13.52 4.33 3.54
C GLY A 73 -12.02 4.61 3.68
N ARG A 74 -11.29 3.63 4.22
CA ARG A 74 -9.85 3.74 4.36
C ARG A 74 -9.13 3.38 3.07
N ASN A 75 -8.00 4.03 2.82
CA ASN A 75 -7.15 3.68 1.67
C ASN A 75 -6.12 2.64 2.06
N LYS A 76 -6.16 1.50 1.37
CA LYS A 76 -5.15 0.45 1.56
C LYS A 76 -4.16 0.43 0.42
N PHE A 77 -2.87 0.52 0.75
CA PHE A 77 -1.81 0.40 -0.23
C PHE A 77 -1.14 -0.97 -0.15
N ILE A 78 -0.70 -1.48 -1.29
CA ILE A 78 0.15 -2.66 -1.32
C ILE A 78 1.58 -2.30 -1.73
N LEU A 79 2.53 -2.56 -0.84
CA LEU A 79 3.90 -2.10 -1.03
C LEU A 79 4.78 -3.20 -1.60
N LEU A 80 5.20 -3.03 -2.85
CA LEU A 80 5.93 -4.07 -3.57
C LEU A 80 7.43 -3.78 -3.58
N SER A 81 8.23 -4.84 -3.38
CA SER A 81 9.68 -4.69 -3.33
C SER A 81 10.29 -4.96 -4.71
N GLY A 82 10.97 -3.95 -5.25
CA GLY A 82 11.57 -4.05 -6.57
C GLY A 82 10.59 -3.64 -7.65
N ASP A 83 11.07 -3.54 -8.89
CA ASP A 83 10.23 -3.18 -10.02
C ASP A 83 9.48 -4.40 -10.56
N THR A 84 8.16 -4.41 -10.38
CA THR A 84 7.36 -5.57 -10.72
C THR A 84 6.67 -5.40 -12.06
N SER A 85 7.02 -4.32 -12.76
CA SER A 85 6.43 -4.03 -14.07
C SER A 85 7.00 -4.97 -15.13
N ALA B 2 -4.59 -14.70 -0.31
CA ALA B 2 -3.97 -14.40 0.97
C ALA B 2 -4.99 -14.46 2.10
N GLN B 3 -4.51 -14.76 3.30
CA GLN B 3 -5.36 -14.75 4.50
C GLN B 3 -5.95 -13.36 4.74
N ALA B 4 -7.27 -13.27 4.72
CA ALA B 4 -7.96 -11.99 4.86
C ALA B 4 -7.52 -11.01 3.78
N GLY B 5 -7.13 -11.54 2.63
CA GLY B 5 -6.81 -10.72 1.47
C GLY B 5 -5.78 -9.66 1.82
N ALA B 6 -6.08 -8.40 1.49
CA ALA B 6 -5.21 -7.28 1.83
C ALA B 6 -5.89 -6.33 2.81
N ALA B 7 -6.82 -6.86 3.60
CA ALA B 7 -7.57 -6.06 4.56
C ALA B 7 -7.04 -6.27 5.97
N ASN B 8 -6.73 -7.53 6.31
CA ASN B 8 -6.21 -7.86 7.62
C ASN B 8 -5.10 -8.90 7.54
N ARG B 9 -4.47 -9.18 8.67
CA ARG B 9 -3.41 -10.17 8.72
C ARG B 9 -2.29 -9.85 7.74
N SER B 10 -1.61 -10.88 7.27
CA SER B 10 -0.46 -10.70 6.39
C SER B 10 -0.88 -10.78 4.92
N LEU B 11 0.02 -10.36 4.04
CA LEU B 11 -0.23 -10.42 2.60
C LEU B 11 0.93 -11.09 1.87
N THR B 12 0.60 -12.05 1.00
CA THR B 12 1.60 -12.88 0.37
C THR B 12 2.44 -12.09 -0.62
N GLU B 13 1.86 -11.02 -1.16
CA GLU B 13 2.53 -10.21 -2.17
C GLU B 13 2.51 -8.74 -1.77
N GLY B 14 3.63 -8.27 -1.22
CA GLY B 14 3.75 -6.89 -0.77
C GLY B 14 3.21 -6.73 0.65
N PHE B 15 3.37 -5.53 1.20
CA PHE B 15 2.87 -5.23 2.53
C PHE B 15 1.56 -4.48 2.48
N VAL B 16 0.77 -4.57 3.55
CA VAL B 16 -0.50 -3.87 3.62
C VAL B 16 -0.40 -2.63 4.50
N LEU B 17 -0.62 -1.46 3.89
CA LEU B 17 -0.51 -0.19 4.61
C LEU B 17 -1.88 0.41 4.86
N ASP B 18 -2.27 0.50 6.14
CA ASP B 18 -3.50 1.16 6.52
C ASP B 18 -3.28 2.64 6.78
N THR B 19 -3.72 3.47 5.84
CA THR B 19 -3.42 4.90 5.88
C THR B 19 -4.32 5.62 6.87
N MET B 20 -5.35 4.93 7.34
CA MET B 20 -6.34 5.53 8.24
C MET B 20 -5.91 5.36 9.70
N ASN B 21 -5.41 4.17 10.04
CA ASN B 21 -4.99 3.88 11.40
C ASN B 21 -3.47 3.92 11.53
N ASP B 22 -2.80 4.34 10.46
CA ASP B 22 -1.35 4.45 10.46
C ASP B 22 -0.70 3.16 10.93
N SER B 23 -1.03 2.06 10.26
CA SER B 23 -0.56 0.74 10.66
C SER B 23 -0.11 -0.09 9.46
N LEU B 24 1.10 -0.62 9.55
CA LEU B 24 1.64 -1.47 8.49
C LEU B 24 1.62 -2.93 8.90
N SER B 25 1.13 -3.78 8.02
CA SER B 25 1.17 -5.22 8.22
C SER B 25 1.97 -5.92 7.12
N LYS B 26 2.81 -6.86 7.51
CA LYS B 26 3.68 -7.55 6.58
C LYS B 26 3.23 -8.98 6.34
#